data_3DYU
#
_entry.id   3DYU
#
_cell.length_a   131.765
_cell.length_b   131.765
_cell.length_c   569.072
_cell.angle_alpha   90.00
_cell.angle_beta   90.00
_cell.angle_gamma   120.00
#
_symmetry.space_group_name_H-M   'H 3 2'
#
_entity_poly.entity_id   1
_entity_poly.type   'polypeptide(L)'
_entity_poly.pdbx_seq_one_letter_code
;EKIPIIVGDYGPMWVYPTSTFDCVVADPRKGSKMYGLKSYIEYQLTPTNTNRSVNHRYKHFDWLYERLLVKFGSAIPIPS
LPDKQVTGRFEEEFIKMRMERLQAWMTRMCRHPVISESEVFQQFLNFRDEKEWKTGKRKAERDELAGVMIFSTMEPEAPD
LDLVEIEQKCEAVGKFTKAMDDGVKELLTVGQEHWKRCTGPLPKEYQKIGKALQSLATVFSSSGYQGETDLNDAITEAGK
TYEEIASLVAEQPKKDLHFLMECNHEYKGFLGCFPDIIGTHKGAIEKVKESDKLVATSKITLQDKQNMVKRVSIMSYALQ
AEMNHFHSNRIYDYNSVIRLYLEQQVQFYETIAEKLRQALSRFPVM
;
_entity_poly.pdbx_strand_id   A,B,C
#
# COMPACT_ATOMS: atom_id res chain seq x y z
N GLU A 1 13.98 0.17 22.66
CA GLU A 1 12.79 -0.28 21.94
C GLU A 1 13.33 -0.46 20.52
N LYS A 2 13.29 -1.70 20.02
CA LYS A 2 13.83 -1.98 18.71
C LYS A 2 12.93 -1.63 17.55
N ILE A 3 13.38 -0.70 16.71
CA ILE A 3 12.65 -0.34 15.50
C ILE A 3 13.74 -0.12 14.46
N PRO A 4 14.18 -1.21 13.79
CA PRO A 4 15.23 -1.14 12.76
C PRO A 4 14.70 -1.04 11.33
N ILE A 5 15.51 -0.42 10.47
CA ILE A 5 15.18 -0.22 9.06
C ILE A 5 16.39 -0.71 8.26
N ILE A 6 16.14 -1.65 7.35
CA ILE A 6 17.21 -2.18 6.52
C ILE A 6 16.91 -1.75 5.11
N VAL A 7 17.86 -1.93 4.19
CA VAL A 7 17.61 -1.56 2.81
C VAL A 7 17.40 -2.85 2.04
N GLY A 8 16.96 -2.72 0.79
CA GLY A 8 16.70 -3.87 -0.06
C GLY A 8 16.66 -3.44 -1.52
N ASP A 9 16.18 -4.34 -2.38
CA ASP A 9 16.09 -4.04 -3.80
C ASP A 9 15.01 -2.98 -3.99
N TYR A 10 13.89 -3.16 -3.29
CA TYR A 10 12.79 -2.22 -3.35
C TYR A 10 13.10 -0.99 -2.50
N GLY A 11 14.22 -1.04 -1.81
CA GLY A 11 14.60 0.08 -0.97
C GLY A 11 14.35 -0.19 0.50
N PRO A 12 14.45 0.84 1.34
CA PRO A 12 14.21 0.63 2.77
C PRO A 12 12.88 -0.08 3.06
N MET A 13 12.87 -0.84 4.14
CA MET A 13 11.69 -1.59 4.54
C MET A 13 11.89 -1.94 6.01
N TRP A 14 10.81 -2.28 6.70
CA TRP A 14 10.91 -2.64 8.10
C TRP A 14 11.46 -4.05 8.10
N VAL A 15 11.77 -4.57 9.29
CA VAL A 15 12.26 -5.94 9.38
C VAL A 15 11.04 -6.78 9.73
N TYR A 16 10.53 -7.55 8.78
CA TYR A 16 9.35 -8.37 9.03
C TYR A 16 9.76 -9.63 9.78
N PRO A 17 9.06 -9.95 10.88
CA PRO A 17 9.42 -11.15 11.63
C PRO A 17 9.26 -12.42 10.78
N THR A 18 10.00 -13.46 11.16
CA THR A 18 9.96 -14.75 10.48
C THR A 18 8.78 -15.58 11.04
N SER A 19 8.49 -15.39 12.32
CA SER A 19 7.40 -16.09 12.99
C SER A 19 6.16 -15.19 13.00
N THR A 20 5.45 -15.16 11.87
CA THR A 20 4.25 -14.34 11.70
C THR A 20 3.13 -14.78 12.64
N PHE A 21 2.20 -13.87 12.94
CA PHE A 21 1.08 -14.20 13.83
C PHE A 21 -0.13 -13.29 13.62
N ASP A 22 -1.31 -13.89 13.67
CA ASP A 22 -2.56 -13.16 13.50
C ASP A 22 -3.32 -13.25 14.80
N CYS A 23 -4.60 -12.89 14.76
CA CYS A 23 -5.45 -12.88 15.93
C CYS A 23 -6.92 -12.91 15.53
N VAL A 24 -7.71 -13.68 16.27
CA VAL A 24 -9.14 -13.84 16.02
C VAL A 24 -9.94 -12.99 17.00
N VAL A 25 -11.13 -12.57 16.59
CA VAL A 25 -12.03 -11.75 17.40
C VAL A 25 -13.47 -12.21 17.14
N ALA A 26 -14.10 -12.84 18.13
CA ALA A 26 -15.46 -13.31 17.95
C ALA A 26 -16.16 -13.61 19.27
N ASP A 27 -17.26 -14.34 19.18
CA ASP A 27 -18.02 -14.71 20.36
C ASP A 27 -18.46 -13.53 21.21
N PRO A 28 -19.32 -12.66 20.65
CA PRO A 28 -19.79 -11.50 21.39
C PRO A 28 -20.36 -11.87 22.75
N ARG A 29 -19.51 -11.73 23.77
CA ARG A 29 -19.88 -12.02 25.15
C ARG A 29 -20.73 -10.88 25.71
N LYS A 30 -21.02 -10.97 27.00
CA LYS A 30 -21.81 -9.94 27.68
C LYS A 30 -21.26 -9.82 29.09
N GLY A 31 -20.70 -8.64 29.40
CA GLY A 31 -20.15 -8.39 30.72
C GLY A 31 -21.07 -7.49 31.52
N SER A 32 -20.75 -7.26 32.78
CA SER A 32 -21.61 -6.41 33.61
C SER A 32 -20.85 -5.54 34.60
N LYS A 33 -21.36 -4.31 34.76
CA LYS A 33 -20.80 -3.35 35.69
C LYS A 33 -21.97 -2.60 36.36
N MET A 34 -22.55 -3.22 37.40
CA MET A 34 -23.67 -2.72 38.22
C MET A 34 -24.65 -1.56 37.91
N TYR A 35 -24.89 -1.27 36.64
CA TYR A 35 -25.65 -0.09 36.25
C TYR A 35 -27.12 -0.42 36.05
N GLY A 36 -27.43 -1.72 35.95
CA GLY A 36 -28.80 -2.17 35.85
C GLY A 36 -29.11 -2.80 34.50
N LEU A 37 -29.74 -2.02 33.63
CA LEU A 37 -29.94 -2.45 32.25
C LEU A 37 -28.99 -1.65 31.35
N LYS A 38 -27.68 -1.84 31.59
CA LYS A 38 -26.63 -1.14 30.85
C LYS A 38 -25.38 -2.00 30.66
N SER A 39 -25.56 -3.25 30.24
CA SER A 39 -24.42 -4.14 30.03
C SER A 39 -23.75 -4.02 28.67
N TYR A 40 -22.54 -3.49 28.67
CA TYR A 40 -21.74 -3.32 27.46
C TYR A 40 -21.33 -4.66 26.85
N ILE A 41 -21.24 -4.70 25.52
CA ILE A 41 -20.84 -5.92 24.83
C ILE A 41 -19.33 -6.08 24.96
N GLU A 42 -18.87 -7.33 25.02
CA GLU A 42 -17.46 -7.63 25.17
C GLU A 42 -17.03 -8.66 24.11
N TYR A 43 -15.90 -8.43 23.46
CA TYR A 43 -15.45 -9.35 22.42
C TYR A 43 -14.31 -10.20 22.94
N GLN A 44 -13.98 -11.26 22.22
CA GLN A 44 -12.90 -12.13 22.65
C GLN A 44 -11.77 -12.18 21.66
N LEU A 45 -10.58 -11.80 22.11
CA LEU A 45 -9.41 -11.81 21.25
C LEU A 45 -8.53 -13.02 21.51
N THR A 46 -8.52 -13.95 20.57
CA THR A 46 -7.73 -15.15 20.71
C THR A 46 -6.47 -15.08 19.84
N PRO A 47 -5.31 -14.75 20.42
CA PRO A 47 -4.10 -14.70 19.58
C PRO A 47 -3.82 -16.09 19.05
N THR A 48 -2.93 -16.18 18.08
CA THR A 48 -2.59 -17.46 17.49
C THR A 48 -1.23 -17.85 18.02
N ASN A 49 -0.46 -16.84 18.37
CA ASN A 49 0.88 -17.08 18.86
C ASN A 49 0.90 -17.92 20.16
N THR A 50 -0.18 -17.89 20.95
CA THR A 50 -0.17 -18.65 22.21
C THR A 50 -1.51 -19.26 22.66
N ASN A 51 -2.57 -19.08 21.86
CA ASN A 51 -3.86 -19.69 22.20
C ASN A 51 -4.54 -19.24 23.48
N ARG A 52 -3.89 -18.34 24.21
CA ARG A 52 -4.46 -17.83 25.46
C ARG A 52 -5.38 -16.67 25.14
N SER A 53 -6.66 -16.88 25.41
CA SER A 53 -7.69 -15.87 25.10
C SER A 53 -7.83 -14.72 26.08
N VAL A 54 -8.50 -13.67 25.61
CA VAL A 54 -8.71 -12.47 26.39
C VAL A 54 -10.03 -11.79 25.96
N ASN A 55 -10.58 -10.92 26.81
CA ASN A 55 -11.82 -10.21 26.48
C ASN A 55 -11.56 -8.71 26.39
N HIS A 56 -12.40 -8.01 25.64
CA HIS A 56 -12.26 -6.56 25.46
C HIS A 56 -13.55 -5.96 24.95
N ARG A 57 -14.03 -4.92 25.64
CA ARG A 57 -15.25 -4.22 25.22
C ARG A 57 -14.78 -3.22 24.16
N TYR A 58 -15.70 -2.70 23.34
CA TYR A 58 -15.30 -1.76 22.30
C TYR A 58 -14.47 -0.59 22.82
N LYS A 59 -14.91 -0.04 23.94
CA LYS A 59 -14.26 1.08 24.59
C LYS A 59 -12.75 0.89 24.79
N HIS A 60 -12.33 -0.36 24.90
CA HIS A 60 -10.92 -0.72 25.11
C HIS A 60 -10.13 -0.64 23.82
N PHE A 61 -10.82 -0.94 22.72
CA PHE A 61 -10.18 -0.87 21.42
C PHE A 61 -9.94 0.60 21.09
N ASP A 62 -10.93 1.43 21.41
CA ASP A 62 -10.83 2.87 21.20
C ASP A 62 -9.59 3.36 21.98
N TRP A 63 -9.46 2.85 23.19
CA TRP A 63 -8.35 3.18 24.06
C TRP A 63 -7.06 2.77 23.36
N LEU A 64 -7.06 1.53 22.86
CA LEU A 64 -5.90 0.99 22.16
C LEU A 64 -5.56 1.87 20.96
N TYR A 65 -6.61 2.28 20.25
CA TYR A 65 -6.48 3.12 19.07
C TYR A 65 -5.76 4.42 19.38
N GLU A 66 -6.29 5.18 20.35
CA GLU A 66 -5.68 6.45 20.72
C GLU A 66 -4.20 6.27 21.09
N ARG A 67 -3.89 5.20 21.80
CA ARG A 67 -2.50 4.98 22.18
C ARG A 67 -1.64 4.83 20.96
N LEU A 68 -2.02 3.89 20.08
CA LEU A 68 -1.26 3.65 18.83
C LEU A 68 -1.14 4.91 17.98
N LEU A 69 -2.20 5.70 17.95
CA LEU A 69 -2.22 6.94 17.21
C LEU A 69 -1.23 7.91 17.83
N VAL A 70 -1.32 8.08 19.14
CA VAL A 70 -0.41 8.97 19.86
C VAL A 70 1.05 8.52 19.76
N LYS A 71 1.29 7.23 19.89
CA LYS A 71 2.67 6.73 19.85
C LYS A 71 3.36 6.77 18.49
N PHE A 72 2.74 6.17 17.48
CA PHE A 72 3.36 6.12 16.17
C PHE A 72 2.72 7.01 15.10
N GLY A 73 1.59 7.62 15.45
CA GLY A 73 0.86 8.48 14.53
C GLY A 73 1.64 9.42 13.62
N SER A 74 2.85 9.80 14.03
CA SER A 74 3.66 10.70 13.23
C SER A 74 4.50 9.99 12.19
N ALA A 75 4.34 8.67 12.09
CA ALA A 75 5.12 7.87 11.14
C ALA A 75 4.35 6.74 10.47
N ILE A 76 3.40 6.14 11.17
CA ILE A 76 2.66 5.02 10.62
C ILE A 76 1.16 5.27 10.58
N PRO A 77 0.54 5.11 9.41
CA PRO A 77 -0.90 5.36 9.39
C PRO A 77 -1.56 4.35 10.33
N ILE A 78 -2.58 4.78 11.07
CA ILE A 78 -3.24 3.87 11.98
C ILE A 78 -4.68 3.64 11.51
N PRO A 79 -5.03 2.39 11.17
CA PRO A 79 -6.38 2.08 10.71
C PRO A 79 -7.48 2.72 11.54
N SER A 80 -8.50 3.24 10.87
CA SER A 80 -9.60 3.89 11.55
C SER A 80 -10.50 2.84 12.20
N LEU A 81 -11.02 3.19 13.36
CA LEU A 81 -11.93 2.32 14.07
C LEU A 81 -13.29 2.82 13.60
N PRO A 82 -14.26 1.92 13.40
CA PRO A 82 -15.59 2.34 12.93
C PRO A 82 -16.31 3.41 13.78
N ASP A 83 -17.18 4.18 13.14
CA ASP A 83 -17.93 5.23 13.79
C ASP A 83 -18.65 4.74 15.06
N LYS A 84 -19.27 5.67 15.78
CA LYS A 84 -20.01 5.39 16.99
C LYS A 84 -21.49 5.69 16.68
N GLN A 85 -22.11 4.70 16.03
CA GLN A 85 -23.49 4.66 15.51
C GLN A 85 -24.83 4.99 16.16
N VAL A 86 -25.84 4.71 15.35
CA VAL A 86 -27.27 4.94 15.57
C VAL A 86 -27.99 4.45 16.83
N THR A 87 -27.27 4.41 17.93
CA THR A 87 -27.82 3.98 19.19
C THR A 87 -28.52 2.62 19.09
N GLY A 88 -27.93 1.70 18.35
CA GLY A 88 -28.50 0.36 18.24
C GLY A 88 -27.55 -0.62 18.89
N ARG A 89 -27.17 -0.29 20.13
CA ARG A 89 -26.23 -1.07 20.93
C ARG A 89 -26.48 -2.58 21.11
N PHE A 90 -27.66 -3.12 20.78
CA PHE A 90 -27.84 -4.55 21.08
C PHE A 90 -28.36 -5.68 20.19
N GLU A 91 -28.21 -5.66 18.87
CA GLU A 91 -28.72 -6.84 18.18
C GLU A 91 -27.79 -7.51 17.19
N GLU A 92 -28.30 -8.60 16.59
CA GLU A 92 -27.57 -9.40 15.60
C GLU A 92 -26.71 -8.57 14.66
N GLU A 93 -27.38 -7.89 13.74
CA GLU A 93 -26.78 -7.02 12.73
C GLU A 93 -25.61 -6.15 13.22
N PHE A 94 -25.92 -5.27 14.18
CA PHE A 94 -24.94 -4.35 14.74
C PHE A 94 -23.63 -5.00 15.17
N ILE A 95 -23.71 -5.94 16.12
CA ILE A 95 -22.52 -6.61 16.63
C ILE A 95 -21.78 -7.35 15.53
N LYS A 96 -22.52 -7.86 14.57
CA LYS A 96 -21.94 -8.61 13.46
C LYS A 96 -21.01 -7.74 12.63
N MET A 97 -21.54 -6.70 12.00
CA MET A 97 -20.73 -5.80 11.17
C MET A 97 -19.62 -5.13 12.00
N ARG A 98 -19.93 -4.80 13.24
CA ARG A 98 -18.93 -4.21 14.12
C ARG A 98 -17.80 -5.22 14.37
N MET A 99 -18.17 -6.45 14.74
CA MET A 99 -17.18 -7.48 14.99
C MET A 99 -16.38 -7.81 13.74
N GLU A 100 -17.02 -7.62 12.58
CA GLU A 100 -16.39 -7.85 11.29
C GLU A 100 -15.31 -6.79 11.12
N ARG A 101 -15.68 -5.53 11.39
CA ARG A 101 -14.75 -4.42 11.27
C ARG A 101 -13.61 -4.48 12.29
N LEU A 102 -13.87 -5.03 13.46
CA LEU A 102 -12.85 -5.15 14.50
C LEU A 102 -11.88 -6.24 14.12
N GLN A 103 -12.42 -7.32 13.57
CA GLN A 103 -11.59 -8.43 13.15
C GLN A 103 -10.55 -7.93 12.13
N ALA A 104 -11.04 -7.28 11.08
CA ALA A 104 -10.16 -6.74 10.05
C ALA A 104 -9.18 -5.73 10.61
N TRP A 105 -9.62 -4.96 11.61
CA TRP A 105 -8.78 -3.95 12.25
C TRP A 105 -7.62 -4.62 13.00
N MET A 106 -7.93 -5.66 13.76
CA MET A 106 -6.92 -6.38 14.53
C MET A 106 -5.88 -7.05 13.64
N THR A 107 -6.34 -7.64 12.54
CA THR A 107 -5.48 -8.32 11.60
C THR A 107 -4.52 -7.34 10.95
N ARG A 108 -4.98 -6.12 10.74
CA ARG A 108 -4.12 -5.11 10.16
C ARG A 108 -2.92 -4.86 11.07
N MET A 109 -3.20 -4.68 12.36
CA MET A 109 -2.18 -4.42 13.36
C MET A 109 -1.25 -5.58 13.53
N CYS A 110 -1.82 -6.78 13.61
CA CYS A 110 -1.01 -7.97 13.75
C CYS A 110 -0.08 -8.11 12.59
N ARG A 111 -0.55 -7.75 11.41
CA ARG A 111 0.31 -7.85 10.25
C ARG A 111 1.37 -6.77 10.18
N HIS A 112 1.29 -5.74 11.04
CA HIS A 112 2.31 -4.71 10.96
C HIS A 112 3.56 -5.01 11.76
N PRO A 113 4.69 -5.15 11.07
CA PRO A 113 5.99 -5.45 11.66
C PRO A 113 6.39 -4.57 12.82
N VAL A 114 5.97 -3.31 12.82
CA VAL A 114 6.35 -2.41 13.90
C VAL A 114 5.33 -2.34 15.02
N ILE A 115 4.06 -2.24 14.64
CA ILE A 115 3.00 -2.16 15.63
C ILE A 115 2.81 -3.46 16.39
N SER A 116 2.67 -4.55 15.65
CA SER A 116 2.45 -5.87 16.24
C SER A 116 3.43 -6.21 17.35
N GLU A 117 4.69 -5.77 17.25
CA GLU A 117 5.66 -6.10 18.29
C GLU A 117 6.02 -4.92 19.21
N SER A 118 5.01 -4.12 19.55
CA SER A 118 5.20 -2.99 20.44
C SER A 118 4.68 -3.45 21.79
N GLU A 119 5.04 -2.74 22.85
CA GLU A 119 4.59 -3.10 24.20
C GLU A 119 3.10 -2.91 24.40
N VAL A 120 2.60 -1.71 24.09
CA VAL A 120 1.20 -1.39 24.26
C VAL A 120 0.28 -2.37 23.54
N PHE A 121 0.55 -2.62 22.25
CA PHE A 121 -0.28 -3.53 21.49
C PHE A 121 -0.20 -4.93 22.08
N GLN A 122 1.02 -5.37 22.33
CA GLN A 122 1.24 -6.70 22.86
C GLN A 122 0.52 -6.91 24.20
N GLN A 123 0.81 -6.05 25.17
CA GLN A 123 0.18 -6.15 26.48
C GLN A 123 -1.31 -6.04 26.37
N PHE A 124 -1.79 -5.37 25.34
CA PHE A 124 -3.23 -5.23 25.12
C PHE A 124 -3.83 -6.63 24.99
N LEU A 125 -3.07 -7.53 24.38
CA LEU A 125 -3.52 -8.89 24.18
C LEU A 125 -3.26 -9.76 25.40
N ASN A 126 -2.01 -10.21 25.55
CA ASN A 126 -1.63 -11.08 26.66
C ASN A 126 -1.55 -10.45 28.05
N PHE A 127 -2.63 -10.58 28.82
CA PHE A 127 -2.71 -10.08 30.18
C PHE A 127 -3.67 -10.99 30.96
N ARG A 128 -3.30 -11.35 32.19
CA ARG A 128 -4.13 -12.25 33.00
C ARG A 128 -4.97 -11.55 34.06
N ASP A 129 -4.31 -10.85 34.97
CA ASP A 129 -5.00 -10.16 36.05
C ASP A 129 -5.88 -9.00 35.56
N GLU A 130 -6.95 -8.75 36.30
CA GLU A 130 -7.88 -7.67 35.98
C GLU A 130 -7.18 -6.38 36.37
N LYS A 131 -6.03 -6.55 37.04
CA LYS A 131 -5.20 -5.44 37.51
C LYS A 131 -3.88 -5.40 36.74
N GLU A 132 -3.47 -6.54 36.20
CA GLU A 132 -2.24 -6.62 35.41
C GLU A 132 -2.44 -5.73 34.19
N TRP A 133 -3.72 -5.49 33.92
CA TRP A 133 -4.19 -4.67 32.80
C TRP A 133 -4.09 -3.18 33.16
N LYS A 134 -4.68 -2.80 34.29
CA LYS A 134 -4.65 -1.42 34.76
C LYS A 134 -3.22 -0.90 34.77
N THR A 135 -2.28 -1.78 35.14
CA THR A 135 -0.87 -1.46 35.19
C THR A 135 -0.37 -1.06 33.81
N GLY A 136 -0.71 -1.90 32.81
CA GLY A 136 -0.30 -1.65 31.44
C GLY A 136 -0.92 -0.37 30.89
N LYS A 137 -2.23 -0.26 31.07
CA LYS A 137 -2.96 0.93 30.62
C LYS A 137 -2.28 2.17 31.23
N ARG A 138 -1.73 2.01 32.44
CA ARG A 138 -1.06 3.13 33.11
C ARG A 138 0.31 3.34 32.46
N LYS A 139 1.07 2.28 32.30
CA LYS A 139 2.41 2.39 31.71
C LYS A 139 2.33 3.01 30.33
N ALA A 140 1.30 2.58 29.58
CA ALA A 140 1.05 3.08 28.24
C ALA A 140 0.88 4.59 28.21
N GLU A 141 0.00 5.09 29.09
CA GLU A 141 -0.30 6.52 29.15
C GLU A 141 0.83 7.43 29.59
N ARG A 142 1.93 6.87 30.11
CA ARG A 142 3.06 7.69 30.55
C ARG A 142 4.24 7.59 29.60
N ASP A 143 4.09 6.80 28.54
CA ASP A 143 5.16 6.61 27.56
C ASP A 143 5.36 7.91 26.80
N GLU A 144 6.47 8.60 27.06
CA GLU A 144 6.72 9.86 26.40
C GLU A 144 7.42 9.70 25.07
N LEU A 145 7.77 8.46 24.73
CA LEU A 145 8.42 8.18 23.46
C LEU A 145 7.35 8.07 22.38
N ALA A 146 6.66 9.19 22.14
CA ALA A 146 5.58 9.26 21.15
C ALA A 146 5.75 10.46 20.24
N GLY A 147 4.70 10.78 19.49
CA GLY A 147 4.77 11.91 18.60
C GLY A 147 6.00 11.82 17.75
N VAL A 148 6.70 12.94 17.56
CA VAL A 148 7.91 12.96 16.76
C VAL A 148 9.00 12.08 17.38
N MET A 149 9.01 12.03 18.71
CA MET A 149 9.99 11.26 19.45
C MET A 149 10.10 9.79 19.07
N ILE A 150 9.05 9.23 18.47
CA ILE A 150 9.09 7.84 18.10
C ILE A 150 10.27 7.54 17.19
N PHE A 151 10.65 8.51 16.35
CA PHE A 151 11.76 8.33 15.43
C PHE A 151 13.04 8.09 16.18
N SER A 152 13.11 8.57 17.41
CA SER A 152 14.32 8.40 18.22
C SER A 152 14.62 6.93 18.49
N THR A 153 13.62 6.08 18.34
CA THR A 153 13.81 4.65 18.59
C THR A 153 14.08 3.87 17.30
N MET A 154 14.22 4.57 16.19
CA MET A 154 14.47 3.90 14.92
C MET A 154 15.93 3.88 14.53
N GLU A 155 16.37 2.72 14.03
CA GLU A 155 17.77 2.57 13.66
C GLU A 155 17.97 2.09 12.23
N PRO A 156 18.36 3.02 11.35
CA PRO A 156 18.62 2.76 9.94
C PRO A 156 19.94 2.04 9.69
N GLU A 157 19.86 0.82 9.18
CA GLU A 157 21.04 0.04 8.84
C GLU A 157 21.48 0.45 7.43
N ALA A 158 21.81 1.73 7.30
CA ALA A 158 22.22 2.33 6.02
C ALA A 158 22.81 3.71 6.31
N PRO A 159 23.41 4.35 5.29
CA PRO A 159 24.03 5.69 5.41
C PRO A 159 23.06 6.84 5.57
N ASP A 160 23.59 8.06 5.44
CA ASP A 160 22.76 9.25 5.56
C ASP A 160 22.31 9.66 4.17
N LEU A 161 21.14 10.31 4.11
CA LEU A 161 20.57 10.77 2.84
C LEU A 161 20.58 12.29 2.91
N ASP A 162 20.86 13.33 2.04
CA ASP A 162 20.86 14.78 1.90
C ASP A 162 19.43 15.31 1.76
N LEU A 163 19.24 16.58 2.10
CA LEU A 163 17.93 17.22 2.04
C LEU A 163 17.23 17.04 0.69
N VAL A 164 17.98 17.21 -0.39
CA VAL A 164 17.45 17.06 -1.73
C VAL A 164 16.73 15.73 -1.91
N GLU A 165 17.48 14.65 -1.74
CA GLU A 165 16.93 13.30 -1.89
C GLU A 165 15.69 13.15 -1.03
N ILE A 166 15.65 13.84 0.12
CA ILE A 166 14.52 13.74 1.03
C ILE A 166 13.24 14.35 0.47
N GLU A 167 13.33 15.63 0.11
CA GLU A 167 12.21 16.37 -0.44
C GLU A 167 11.55 15.66 -1.61
N GLN A 168 12.40 15.00 -2.40
CA GLN A 168 11.98 14.27 -3.59
C GLN A 168 11.15 13.05 -3.24
N LYS A 169 11.57 12.28 -2.25
CA LYS A 169 10.82 11.10 -1.84
C LYS A 169 9.50 11.56 -1.23
N CYS A 170 9.51 12.75 -0.67
CA CYS A 170 8.32 13.30 -0.03
C CYS A 170 7.30 13.59 -1.12
N GLU A 171 7.68 14.39 -2.11
CA GLU A 171 6.81 14.75 -3.22
C GLU A 171 6.19 13.48 -3.80
N ALA A 172 7.05 12.51 -4.10
CA ALA A 172 6.61 11.26 -4.65
C ALA A 172 5.44 10.65 -3.90
N VAL A 173 5.60 10.44 -2.61
CA VAL A 173 4.54 9.84 -1.81
C VAL A 173 3.30 10.68 -1.90
N GLY A 174 3.49 12.00 -1.78
CA GLY A 174 2.39 12.94 -1.84
C GLY A 174 1.61 12.89 -3.13
N LYS A 175 2.29 12.54 -4.23
CA LYS A 175 1.63 12.47 -5.52
C LYS A 175 0.96 11.11 -5.71
N PHE A 176 1.55 10.06 -5.16
CA PHE A 176 0.93 8.74 -5.30
C PHE A 176 -0.35 8.66 -4.50
N THR A 177 -0.25 8.94 -3.20
CA THR A 177 -1.39 8.88 -2.30
C THR A 177 -2.58 9.71 -2.74
N LYS A 178 -2.32 10.94 -3.20
CA LYS A 178 -3.38 11.82 -3.68
C LYS A 178 -4.01 11.16 -4.89
N ALA A 179 -3.18 10.66 -5.79
CA ALA A 179 -3.68 9.99 -6.98
C ALA A 179 -4.55 8.79 -6.63
N MET A 180 -4.03 7.86 -5.85
CA MET A 180 -4.80 6.68 -5.47
C MET A 180 -6.05 7.00 -4.67
N ASP A 181 -5.98 8.06 -3.88
CA ASP A 181 -7.13 8.44 -3.11
C ASP A 181 -8.20 8.80 -4.11
N ASP A 182 -7.89 9.72 -5.02
CA ASP A 182 -8.84 10.15 -6.03
C ASP A 182 -9.40 8.95 -6.78
N GLY A 183 -8.52 8.00 -7.09
CA GLY A 183 -8.93 6.81 -7.82
C GLY A 183 -9.86 5.86 -7.10
N VAL A 184 -9.60 5.63 -5.82
CA VAL A 184 -10.43 4.74 -5.02
C VAL A 184 -11.78 5.41 -4.71
N LYS A 185 -11.81 6.73 -4.67
CA LYS A 185 -13.06 7.42 -4.37
C LYS A 185 -14.04 7.18 -5.49
N GLU A 186 -13.54 6.92 -6.69
CA GLU A 186 -14.45 6.65 -7.79
C GLU A 186 -14.91 5.23 -7.74
N LEU A 187 -13.95 4.32 -7.67
CA LEU A 187 -14.28 2.92 -7.60
C LEU A 187 -15.40 2.71 -6.58
N LEU A 188 -15.34 3.50 -5.51
CA LEU A 188 -16.33 3.47 -4.42
C LEU A 188 -17.68 4.01 -4.84
N THR A 189 -17.68 5.09 -5.62
CA THR A 189 -18.93 5.71 -6.09
C THR A 189 -19.70 4.84 -7.06
N VAL A 190 -19.04 4.33 -8.10
CA VAL A 190 -19.72 3.47 -9.07
C VAL A 190 -20.21 2.20 -8.36
N GLY A 191 -19.39 1.68 -7.45
CA GLY A 191 -19.78 0.49 -6.74
C GLY A 191 -21.01 0.75 -5.89
N GLN A 192 -20.99 1.82 -5.12
CA GLN A 192 -22.13 2.15 -4.29
C GLN A 192 -23.35 2.40 -5.19
N GLU A 193 -23.09 2.95 -6.37
CA GLU A 193 -24.11 3.27 -7.37
C GLU A 193 -24.69 2.01 -8.00
N HIS A 194 -23.82 1.04 -8.25
CA HIS A 194 -24.22 -0.23 -8.82
C HIS A 194 -24.96 -1.01 -7.77
N TRP A 195 -24.43 -0.96 -6.56
CA TRP A 195 -25.07 -1.65 -5.44
C TRP A 195 -26.54 -1.23 -5.36
N LYS A 196 -26.74 0.07 -5.13
CA LYS A 196 -28.06 0.68 -5.00
C LYS A 196 -29.01 0.30 -6.14
N ARG A 197 -28.44 -0.04 -7.30
CA ARG A 197 -29.26 -0.42 -8.44
C ARG A 197 -29.60 -1.91 -8.48
N CYS A 198 -28.77 -2.74 -7.86
CA CYS A 198 -29.03 -4.18 -7.85
C CYS A 198 -29.94 -4.57 -6.72
N THR A 199 -30.07 -3.72 -5.73
CA THR A 199 -30.93 -4.04 -4.60
C THR A 199 -32.27 -3.32 -4.70
N GLY A 200 -32.45 -2.56 -5.77
CA GLY A 200 -33.71 -1.83 -5.93
C GLY A 200 -34.52 -2.01 -7.19
N PRO A 201 -34.36 -1.12 -8.18
CA PRO A 201 -35.08 -1.16 -9.45
C PRO A 201 -34.88 -2.41 -10.32
N LEU A 202 -33.67 -2.98 -10.30
CA LEU A 202 -33.39 -4.15 -11.11
C LEU A 202 -34.20 -5.37 -10.73
N PRO A 203 -34.33 -5.65 -9.43
CA PRO A 203 -35.11 -6.82 -9.03
C PRO A 203 -36.57 -6.61 -9.38
N LYS A 204 -37.10 -5.42 -9.10
CA LYS A 204 -38.50 -5.11 -9.39
C LYS A 204 -38.84 -5.46 -10.83
N GLU A 205 -37.88 -5.28 -11.73
CA GLU A 205 -38.09 -5.56 -13.14
C GLU A 205 -38.36 -7.05 -13.32
N TYR A 206 -37.36 -7.85 -12.98
CA TYR A 206 -37.51 -9.29 -13.09
C TYR A 206 -38.73 -9.75 -12.32
N GLN A 207 -39.21 -8.91 -11.41
CA GLN A 207 -40.37 -9.22 -10.60
C GLN A 207 -41.61 -8.92 -11.45
N LYS A 208 -41.58 -7.80 -12.17
CA LYS A 208 -42.71 -7.40 -13.03
C LYS A 208 -42.87 -8.39 -14.17
N ILE A 209 -41.73 -8.82 -14.70
CA ILE A 209 -41.68 -9.78 -15.81
C ILE A 209 -42.31 -11.09 -15.35
N GLY A 210 -41.67 -11.70 -14.36
CA GLY A 210 -42.15 -12.94 -13.82
C GLY A 210 -43.62 -12.92 -13.47
N LYS A 211 -44.16 -11.76 -13.10
CA LYS A 211 -45.57 -11.65 -12.77
C LYS A 211 -46.40 -11.50 -14.05
N ALA A 212 -45.89 -10.69 -14.96
CA ALA A 212 -46.57 -10.45 -16.23
C ALA A 212 -46.81 -11.79 -16.88
N LEU A 213 -45.77 -12.62 -16.86
CA LEU A 213 -45.87 -13.95 -17.44
C LEU A 213 -46.96 -14.74 -16.74
N GLN A 214 -46.87 -14.83 -15.42
CA GLN A 214 -47.84 -15.59 -14.65
C GLN A 214 -49.29 -15.15 -14.79
N SER A 215 -49.53 -13.87 -15.02
CA SER A 215 -50.92 -13.45 -15.18
C SER A 215 -51.40 -13.98 -16.53
N LEU A 216 -50.55 -13.87 -17.54
CA LEU A 216 -50.88 -14.33 -18.89
C LEU A 216 -51.24 -15.80 -18.91
N ALA A 217 -50.44 -16.64 -18.27
CA ALA A 217 -50.74 -18.07 -18.21
C ALA A 217 -52.11 -18.22 -17.60
N THR A 218 -52.38 -17.42 -16.58
CA THR A 218 -53.66 -17.45 -15.91
C THR A 218 -54.78 -17.17 -16.91
N VAL A 219 -54.52 -16.24 -17.83
CA VAL A 219 -55.52 -15.88 -18.84
C VAL A 219 -55.75 -17.02 -19.84
N PHE A 220 -54.65 -17.65 -20.26
CA PHE A 220 -54.77 -18.74 -21.22
C PHE A 220 -55.61 -19.83 -20.59
N SER A 221 -55.33 -20.14 -19.33
CA SER A 221 -56.05 -21.19 -18.62
C SER A 221 -57.55 -20.99 -18.55
N SER A 222 -58.03 -19.77 -18.78
CA SER A 222 -59.46 -19.50 -18.76
C SER A 222 -60.02 -19.64 -20.16
N SER A 223 -59.12 -19.80 -21.14
CA SER A 223 -59.52 -19.92 -22.55
C SER A 223 -60.65 -20.92 -22.71
N GLY A 224 -60.46 -22.12 -22.19
CA GLY A 224 -61.47 -23.15 -22.31
C GLY A 224 -61.35 -23.81 -23.67
N TYR A 225 -60.11 -23.93 -24.12
CA TYR A 225 -59.82 -24.53 -25.41
C TYR A 225 -59.45 -25.99 -25.20
N GLN A 226 -60.11 -26.88 -25.92
CA GLN A 226 -59.78 -28.29 -25.85
C GLN A 226 -58.34 -28.39 -26.35
N GLY A 227 -57.54 -29.31 -25.81
CA GLY A 227 -56.19 -29.46 -26.32
C GLY A 227 -55.03 -28.62 -25.88
N GLU A 228 -54.98 -28.30 -24.59
CA GLU A 228 -53.90 -27.54 -23.99
C GLU A 228 -53.98 -27.82 -22.51
N THR A 229 -52.84 -27.69 -21.85
CA THR A 229 -52.73 -27.85 -20.40
C THR A 229 -51.28 -27.73 -20.00
N ASP A 230 -50.45 -28.33 -20.83
CA ASP A 230 -49.02 -28.39 -20.63
C ASP A 230 -48.27 -27.08 -20.70
N LEU A 231 -48.73 -26.16 -21.55
CA LEU A 231 -48.08 -24.85 -21.71
C LEU A 231 -48.26 -23.93 -20.54
N ASN A 232 -49.51 -23.69 -20.12
CA ASN A 232 -49.77 -22.79 -19.00
C ASN A 232 -48.95 -23.13 -17.76
N ASP A 233 -48.49 -24.37 -17.66
CA ASP A 233 -47.66 -24.73 -16.51
C ASP A 233 -46.25 -24.21 -16.76
N ALA A 234 -45.73 -24.46 -17.96
CA ALA A 234 -44.39 -24.00 -18.30
C ALA A 234 -44.28 -22.49 -18.14
N ILE A 235 -45.29 -21.78 -18.61
CA ILE A 235 -45.32 -20.32 -18.51
C ILE A 235 -45.26 -19.91 -17.05
N THR A 236 -46.31 -20.25 -16.31
CA THR A 236 -46.40 -19.92 -14.90
C THR A 236 -45.10 -20.19 -14.12
N GLU A 237 -44.40 -21.27 -14.45
CA GLU A 237 -43.16 -21.58 -13.78
C GLU A 237 -42.05 -20.63 -14.19
N ALA A 238 -42.07 -20.23 -15.46
CA ALA A 238 -41.07 -19.32 -15.97
C ALA A 238 -41.17 -18.02 -15.16
N GLY A 239 -42.38 -17.58 -14.90
CA GLY A 239 -42.58 -16.36 -14.13
C GLY A 239 -41.99 -16.50 -12.73
N LYS A 240 -42.35 -17.58 -12.05
CA LYS A 240 -41.86 -17.85 -10.70
C LYS A 240 -40.35 -17.95 -10.73
N THR A 241 -39.82 -18.50 -11.83
CA THR A 241 -38.38 -18.63 -11.94
C THR A 241 -37.79 -17.23 -12.02
N TYR A 242 -38.49 -16.31 -12.67
CA TYR A 242 -37.96 -14.98 -12.78
C TYR A 242 -38.01 -14.26 -11.45
N GLU A 243 -39.08 -14.50 -10.70
CA GLU A 243 -39.23 -13.89 -9.38
C GLU A 243 -38.07 -14.28 -8.46
N GLU A 244 -37.59 -15.51 -8.60
CA GLU A 244 -36.48 -16.01 -7.81
C GLU A 244 -35.20 -15.33 -8.26
N ILE A 245 -35.13 -15.00 -9.54
CA ILE A 245 -33.93 -14.32 -10.03
C ILE A 245 -33.92 -12.91 -9.49
N ALA A 246 -35.11 -12.39 -9.21
CA ALA A 246 -35.24 -11.05 -8.66
C ALA A 246 -34.62 -11.07 -7.27
N SER A 247 -34.93 -12.10 -6.51
CA SER A 247 -34.40 -12.29 -5.17
C SER A 247 -32.90 -12.51 -5.25
N LEU A 248 -32.49 -13.49 -6.03
CA LEU A 248 -31.09 -13.81 -6.18
C LEU A 248 -30.28 -12.55 -6.50
N VAL A 249 -30.82 -11.74 -7.40
CA VAL A 249 -30.14 -10.52 -7.81
C VAL A 249 -30.04 -9.54 -6.65
N ALA A 250 -31.19 -9.19 -6.09
CA ALA A 250 -31.25 -8.24 -4.98
C ALA A 250 -30.50 -8.70 -3.76
N GLU A 251 -30.02 -9.93 -3.76
CA GLU A 251 -29.30 -10.43 -2.59
C GLU A 251 -27.86 -10.79 -2.90
N GLN A 252 -27.34 -10.33 -4.02
CA GLN A 252 -25.97 -10.67 -4.36
C GLN A 252 -24.87 -9.78 -3.85
N PRO A 253 -25.07 -8.46 -3.89
CA PRO A 253 -24.01 -7.54 -3.40
C PRO A 253 -23.43 -7.91 -2.02
N LYS A 254 -24.25 -8.53 -1.18
CA LYS A 254 -23.80 -8.92 0.13
C LYS A 254 -22.80 -10.05 0.06
N LYS A 255 -22.57 -10.59 -1.14
CA LYS A 255 -21.64 -11.70 -1.26
C LYS A 255 -20.35 -11.42 -1.99
N ASP A 256 -20.27 -10.26 -2.64
CA ASP A 256 -19.05 -9.90 -3.37
C ASP A 256 -18.80 -8.42 -3.41
N LEU A 257 -19.77 -7.68 -3.95
CA LEU A 257 -19.66 -6.24 -4.03
C LEU A 257 -19.22 -5.72 -2.68
N HIS A 258 -19.84 -6.27 -1.63
CA HIS A 258 -19.54 -5.88 -0.27
C HIS A 258 -18.06 -5.92 0.10
N PHE A 259 -17.39 -7.02 -0.19
CA PHE A 259 -15.98 -7.14 0.16
C PHE A 259 -15.17 -6.16 -0.63
N LEU A 260 -15.48 -6.03 -1.91
CA LEU A 260 -14.74 -5.10 -2.76
C LEU A 260 -14.87 -3.68 -2.21
N MET A 261 -16.07 -3.31 -1.74
CA MET A 261 -16.31 -1.99 -1.18
C MET A 261 -15.50 -1.78 0.13
N GLU A 262 -15.66 -2.73 1.05
CA GLU A 262 -14.94 -2.68 2.32
C GLU A 262 -13.45 -2.50 2.14
N CYS A 263 -12.86 -3.26 1.24
CA CYS A 263 -11.43 -3.13 1.03
C CYS A 263 -11.06 -1.69 0.64
N ASN A 264 -11.90 -1.10 -0.21
CA ASN A 264 -11.64 0.26 -0.66
C ASN A 264 -11.84 1.27 0.43
N HIS A 265 -12.81 1.02 1.30
CA HIS A 265 -13.03 1.94 2.41
C HIS A 265 -11.78 1.91 3.27
N GLU A 266 -11.36 0.72 3.68
CA GLU A 266 -10.19 0.62 4.51
C GLU A 266 -9.05 1.46 3.92
N TYR A 267 -8.87 1.38 2.61
CA TYR A 267 -7.80 2.12 1.99
C TYR A 267 -8.06 3.61 1.87
N LYS A 268 -9.31 4.00 1.69
CA LYS A 268 -9.62 5.44 1.64
C LYS A 268 -9.16 5.98 3.00
N GLY A 269 -9.28 5.12 4.03
CA GLY A 269 -8.86 5.49 5.37
C GLY A 269 -7.38 5.71 5.50
N PHE A 270 -6.56 4.76 5.03
CA PHE A 270 -5.10 4.91 5.13
C PHE A 270 -4.69 6.17 4.39
N LEU A 271 -5.27 6.38 3.22
CA LEU A 271 -4.95 7.54 2.41
C LEU A 271 -5.30 8.86 3.09
N GLY A 272 -6.48 8.90 3.71
CA GLY A 272 -6.88 10.13 4.39
C GLY A 272 -5.85 10.59 5.40
N CYS A 273 -4.99 9.67 5.83
CA CYS A 273 -3.92 10.00 6.76
C CYS A 273 -2.73 10.63 6.04
N PHE A 274 -2.83 10.71 4.72
CA PHE A 274 -2.08 11.71 3.96
C PHE A 274 -1.15 12.51 4.86
N PRO A 275 -1.71 13.48 5.57
CA PRO A 275 -1.47 14.89 5.27
C PRO A 275 -0.58 15.56 6.31
N ASP A 276 -1.15 15.83 7.48
CA ASP A 276 -0.54 15.40 8.74
C ASP A 276 0.77 14.65 8.50
N ILE A 277 0.66 13.49 7.85
CA ILE A 277 1.73 12.50 7.90
C ILE A 277 2.86 12.87 6.93
N ILE A 278 2.57 13.78 6.00
CA ILE A 278 3.58 14.28 5.08
C ILE A 278 3.63 15.80 5.10
N GLY A 279 3.26 16.39 6.23
CA GLY A 279 3.57 17.78 6.51
C GLY A 279 4.04 18.01 7.93
N THR A 280 4.38 16.92 8.61
CA THR A 280 5.46 16.92 9.58
C THR A 280 6.79 16.67 8.87
N HIS A 281 6.79 15.78 7.89
CA HIS A 281 8.03 15.51 7.17
C HIS A 281 8.36 16.71 6.31
N LYS A 282 7.34 17.32 5.72
CA LYS A 282 7.52 18.52 4.88
C LYS A 282 8.14 19.64 5.68
N GLY A 283 7.64 19.81 6.90
CA GLY A 283 8.18 20.85 7.76
C GLY A 283 9.61 20.53 8.13
N ALA A 284 9.87 19.25 8.35
CA ALA A 284 11.22 18.80 8.73
C ALA A 284 12.23 19.07 7.61
N ILE A 285 11.85 18.74 6.38
CA ILE A 285 12.69 18.93 5.19
C ILE A 285 12.89 20.41 4.90
N GLU A 286 11.87 21.21 5.19
CA GLU A 286 11.92 22.65 4.97
C GLU A 286 12.83 23.28 6.00
N LYS A 287 12.79 22.76 7.22
CA LYS A 287 13.60 23.27 8.31
C LYS A 287 15.06 22.90 8.10
N VAL A 288 15.33 21.91 7.26
CA VAL A 288 16.70 21.50 7.01
C VAL A 288 17.34 22.33 5.92
N LYS A 289 16.53 23.05 5.15
CA LYS A 289 17.07 23.91 4.10
C LYS A 289 17.68 25.16 4.73
N GLU A 290 17.12 25.57 5.86
CA GLU A 290 17.61 26.74 6.58
C GLU A 290 18.91 26.42 7.30
N SER A 291 19.34 25.17 7.22
CA SER A 291 20.58 24.76 7.86
C SER A 291 21.63 25.78 7.45
N ASP A 292 22.00 25.76 6.17
CA ASP A 292 23.00 26.68 5.66
C ASP A 292 22.74 28.13 6.10
N LYS A 293 21.55 28.62 5.85
CA LYS A 293 21.22 29.99 6.24
C LYS A 293 21.55 30.22 7.70
N LEU A 294 21.31 29.21 8.53
CA LEU A 294 21.60 29.30 9.95
C LEU A 294 23.09 29.31 10.25
N VAL A 295 23.78 28.25 9.85
CA VAL A 295 25.22 28.12 10.09
C VAL A 295 25.99 29.39 9.75
N ALA A 296 25.53 30.09 8.70
CA ALA A 296 26.17 31.33 8.26
C ALA A 296 25.82 32.50 9.17
N THR A 297 24.59 32.51 9.66
CA THR A 297 24.15 33.57 10.55
C THR A 297 24.67 33.27 11.96
N SER A 298 25.62 32.34 12.03
CA SER A 298 26.25 31.90 13.28
C SER A 298 25.28 31.45 14.37
N LYS A 299 24.13 30.90 13.97
CA LYS A 299 23.13 30.44 14.94
C LYS A 299 23.48 29.04 15.44
N ILE A 300 23.94 28.19 14.54
CA ILE A 300 24.30 26.82 14.91
C ILE A 300 25.65 26.46 14.32
N THR A 301 26.12 25.24 14.56
CA THR A 301 27.42 24.81 14.04
C THR A 301 27.27 23.75 12.96
N LEU A 302 28.35 23.57 12.20
CA LEU A 302 28.40 22.59 11.12
C LEU A 302 28.01 21.21 11.63
N GLN A 303 28.39 20.91 12.87
CA GLN A 303 28.07 19.63 13.49
C GLN A 303 26.56 19.59 13.71
N ASP A 304 26.02 20.71 14.17
CA ASP A 304 24.58 20.84 14.39
C ASP A 304 23.89 20.65 13.06
N LYS A 305 24.46 21.26 12.02
CA LYS A 305 23.91 21.18 10.67
C LYS A 305 23.91 19.73 10.17
N GLN A 306 25.07 19.08 10.24
CA GLN A 306 25.20 17.71 9.79
C GLN A 306 24.30 16.75 10.55
N ASN A 307 23.89 17.12 11.75
CA ASN A 307 22.99 16.27 12.53
C ASN A 307 21.60 16.34 11.91
N MET A 308 21.13 17.57 11.70
CA MET A 308 19.82 17.82 11.10
C MET A 308 19.63 16.94 9.87
N VAL A 309 20.71 16.72 9.14
CA VAL A 309 20.67 15.91 7.94
C VAL A 309 20.54 14.42 8.25
N LYS A 310 21.52 13.89 8.97
CA LYS A 310 21.49 12.48 9.30
C LYS A 310 20.20 12.16 10.03
N ARG A 311 19.64 13.15 10.70
CA ARG A 311 18.40 12.99 11.46
C ARG A 311 17.12 13.00 10.63
N VAL A 312 17.02 13.89 9.64
CA VAL A 312 15.82 13.93 8.81
C VAL A 312 15.82 12.76 7.82
N SER A 313 16.98 12.13 7.67
CA SER A 313 17.10 10.96 6.82
C SER A 313 16.36 9.82 7.54
N ILE A 314 16.65 9.66 8.82
CA ILE A 314 15.99 8.64 9.63
C ILE A 314 14.49 8.76 9.40
N MET A 315 14.01 9.99 9.30
CA MET A 315 12.59 10.20 9.08
C MET A 315 12.17 9.55 7.78
N SER A 316 12.91 9.82 6.72
CA SER A 316 12.58 9.25 5.41
C SER A 316 12.54 7.72 5.48
N TYR A 317 13.58 7.10 6.03
CA TYR A 317 13.62 5.65 6.15
C TYR A 317 12.40 5.13 6.89
N ALA A 318 11.96 5.88 7.90
CA ALA A 318 10.81 5.46 8.67
C ALA A 318 9.54 5.61 7.82
N LEU A 319 9.47 6.68 7.06
CA LEU A 319 8.35 6.91 6.15
C LEU A 319 8.40 5.95 4.97
N GLN A 320 9.31 6.21 4.04
CA GLN A 320 9.75 5.20 3.09
C GLN A 320 9.49 3.79 3.62
N ALA A 321 9.89 3.56 4.87
CA ALA A 321 9.64 2.28 5.51
C ALA A 321 8.15 2.00 5.53
N GLU A 322 7.37 3.03 5.83
CA GLU A 322 5.92 2.92 5.91
C GLU A 322 5.29 2.63 4.55
N MET A 323 5.68 3.38 3.52
CA MET A 323 5.14 3.15 2.18
C MET A 323 5.41 1.71 1.74
N ASN A 324 6.67 1.30 1.86
CA ASN A 324 7.05 -0.06 1.48
C ASN A 324 6.18 -1.10 2.16
N HIS A 325 5.64 -0.77 3.32
CA HIS A 325 4.78 -1.70 4.01
C HIS A 325 3.42 -1.53 3.39
N PHE A 326 3.12 -0.30 2.94
CA PHE A 326 1.83 -0.02 2.33
C PHE A 326 1.71 -0.80 1.04
N HIS A 327 2.56 -0.45 0.08
CA HIS A 327 2.58 -1.08 -1.24
C HIS A 327 2.57 -2.58 -1.17
N SER A 328 3.40 -3.11 -0.28
CA SER A 328 3.50 -4.54 -0.07
C SER A 328 2.11 -5.08 0.18
N ASN A 329 1.45 -4.54 1.19
CA ASN A 329 0.11 -4.98 1.54
C ASN A 329 -0.97 -4.57 0.54
N ARG A 330 -0.78 -3.44 -0.13
CA ARG A 330 -1.76 -3.00 -1.11
C ARG A 330 -1.90 -4.08 -2.18
N ILE A 331 -0.76 -4.46 -2.75
CA ILE A 331 -0.68 -5.47 -3.79
C ILE A 331 -1.27 -6.80 -3.40
N TYR A 332 -1.17 -7.17 -2.14
CA TYR A 332 -1.72 -8.43 -1.70
C TYR A 332 -3.22 -8.30 -1.59
N ASP A 333 -3.67 -7.24 -0.92
CA ASP A 333 -5.09 -7.00 -0.68
C ASP A 333 -5.98 -6.90 -1.92
N TYR A 334 -5.61 -6.06 -2.88
CA TYR A 334 -6.42 -5.92 -4.09
C TYR A 334 -6.42 -7.19 -4.92
N ASN A 335 -5.30 -7.90 -4.92
CA ASN A 335 -5.22 -9.14 -5.65
C ASN A 335 -6.11 -10.22 -5.04
N SER A 336 -6.52 -10.07 -3.79
CA SER A 336 -7.33 -11.08 -3.13
C SER A 336 -8.80 -10.75 -3.19
N VAL A 337 -9.14 -9.47 -3.00
CA VAL A 337 -10.54 -9.08 -3.04
C VAL A 337 -11.07 -9.16 -4.49
N ILE A 338 -10.31 -8.65 -5.44
CA ILE A 338 -10.73 -8.74 -6.83
C ILE A 338 -10.91 -10.23 -7.18
N ARG A 339 -9.91 -11.00 -6.87
CA ARG A 339 -9.97 -12.43 -7.12
C ARG A 339 -11.23 -12.99 -6.51
N LEU A 340 -11.64 -12.42 -5.39
CA LEU A 340 -12.82 -12.88 -4.69
C LEU A 340 -14.10 -12.44 -5.34
N TYR A 341 -14.15 -11.16 -5.72
CA TYR A 341 -15.32 -10.56 -6.37
C TYR A 341 -15.66 -11.32 -7.65
N LEU A 342 -14.64 -11.54 -8.48
CA LEU A 342 -14.85 -12.24 -9.74
C LEU A 342 -15.44 -13.63 -9.48
N GLU A 343 -14.74 -14.45 -8.69
CA GLU A 343 -15.20 -15.79 -8.35
C GLU A 343 -16.66 -15.82 -7.98
N GLN A 344 -17.08 -14.87 -7.16
CA GLN A 344 -18.47 -14.79 -6.74
C GLN A 344 -19.34 -14.42 -7.92
N GLN A 345 -18.86 -13.50 -8.74
CA GLN A 345 -19.59 -13.07 -9.92
C GLN A 345 -19.84 -14.29 -10.76
N VAL A 346 -18.77 -14.97 -11.17
CA VAL A 346 -18.87 -16.18 -11.98
C VAL A 346 -20.01 -17.05 -11.49
N GLN A 347 -19.90 -17.55 -10.26
CA GLN A 347 -20.94 -18.41 -9.70
C GLN A 347 -22.32 -17.80 -9.82
N PHE A 348 -22.39 -16.48 -9.75
CA PHE A 348 -23.67 -15.82 -9.83
C PHE A 348 -24.34 -16.10 -11.16
N TYR A 349 -23.67 -15.71 -12.24
CA TYR A 349 -24.20 -15.90 -13.59
C TYR A 349 -24.45 -17.35 -13.93
N GLU A 350 -23.53 -18.20 -13.49
CA GLU A 350 -23.63 -19.62 -13.69
C GLU A 350 -24.95 -20.12 -13.06
N THR A 351 -25.26 -19.61 -11.86
CA THR A 351 -26.46 -20.00 -11.13
C THR A 351 -27.73 -19.54 -11.83
N ILE A 352 -27.76 -18.28 -12.24
CA ILE A 352 -28.92 -17.74 -12.93
C ILE A 352 -29.19 -18.58 -14.18
N ALA A 353 -28.14 -18.82 -14.96
CA ALA A 353 -28.24 -19.63 -16.17
C ALA A 353 -28.91 -20.97 -15.85
N GLU A 354 -28.41 -21.64 -14.82
CA GLU A 354 -28.98 -22.91 -14.45
C GLU A 354 -30.46 -22.78 -14.09
N LYS A 355 -30.85 -21.65 -13.50
CA LYS A 355 -32.25 -21.46 -13.13
C LYS A 355 -33.13 -21.32 -14.37
N LEU A 356 -32.65 -20.60 -15.37
CA LEU A 356 -33.38 -20.42 -16.62
C LEU A 356 -33.47 -21.78 -17.31
N ARG A 357 -32.31 -22.40 -17.53
CA ARG A 357 -32.20 -23.70 -18.17
C ARG A 357 -33.22 -24.71 -17.63
N GLN A 358 -33.69 -24.50 -16.42
CA GLN A 358 -34.67 -25.40 -15.81
C GLN A 358 -36.08 -25.09 -16.32
N ALA A 359 -36.47 -23.82 -16.26
CA ALA A 359 -37.79 -23.41 -16.71
C ALA A 359 -37.88 -23.70 -18.20
N LEU A 360 -36.74 -23.68 -18.87
CA LEU A 360 -36.67 -23.95 -20.28
C LEU A 360 -37.12 -25.37 -20.54
N SER A 361 -36.45 -26.31 -19.89
CA SER A 361 -36.75 -27.73 -20.04
C SER A 361 -38.15 -28.12 -19.58
N ARG A 362 -39.09 -27.19 -19.71
CA ARG A 362 -40.47 -27.45 -19.31
C ARG A 362 -41.37 -27.19 -20.51
N PHE A 363 -40.82 -26.55 -21.53
CA PHE A 363 -40.79 -27.12 -22.87
C PHE A 363 -41.49 -28.48 -22.91
N PRO A 364 -42.61 -28.54 -23.64
CA PRO A 364 -42.83 -29.62 -24.61
C PRO A 364 -42.66 -29.14 -26.04
N VAL A 365 -41.71 -29.74 -26.76
CA VAL A 365 -41.93 -31.05 -27.37
C VAL A 365 -43.37 -31.20 -27.85
N MET A 366 -44.23 -30.28 -27.43
CA MET A 366 -45.58 -30.20 -27.96
C MET A 366 -46.61 -30.67 -26.95
N GLU B 1 -68.19 -24.28 -53.45
CA GLU B 1 -66.92 -23.91 -52.81
C GLU B 1 -66.95 -24.74 -51.52
N LYS B 2 -66.00 -25.65 -51.38
CA LYS B 2 -65.99 -26.53 -50.23
C LYS B 2 -65.40 -25.93 -48.97
N ILE B 3 -66.22 -25.82 -47.94
CA ILE B 3 -65.77 -25.34 -46.64
C ILE B 3 -66.53 -26.20 -45.63
N PRO B 4 -65.99 -27.39 -45.31
CA PRO B 4 -66.61 -28.32 -44.37
C PRO B 4 -66.08 -28.21 -42.94
N ILE B 5 -66.95 -28.56 -41.98
CA ILE B 5 -66.62 -28.53 -40.56
C ILE B 5 -67.02 -29.88 -39.98
N ILE B 6 -66.06 -30.56 -39.36
CA ILE B 6 -66.32 -31.86 -38.76
C ILE B 6 -66.18 -31.68 -37.26
N VAL B 7 -66.58 -32.67 -36.49
CA VAL B 7 -66.44 -32.58 -35.04
C VAL B 7 -65.28 -33.47 -34.64
N GLY B 8 -64.86 -33.35 -33.39
CA GLY B 8 -63.77 -34.16 -32.88
C GLY B 8 -63.79 -34.18 -31.36
N ASP B 9 -62.70 -34.63 -30.76
CA ASP B 9 -62.61 -34.69 -29.30
C ASP B 9 -62.55 -33.27 -28.76
N TYR B 10 -61.75 -32.44 -29.44
CA TYR B 10 -61.60 -31.04 -29.06
C TYR B 10 -62.79 -30.25 -29.56
N GLY B 11 -63.66 -30.91 -30.30
CA GLY B 11 -64.84 -30.23 -30.81
C GLY B 11 -64.71 -29.90 -32.29
N PRO B 12 -65.61 -29.08 -32.81
CA PRO B 12 -65.53 -28.72 -34.23
C PRO B 12 -64.15 -28.21 -34.63
N MET B 13 -63.79 -28.46 -35.88
CA MET B 13 -62.49 -28.04 -36.41
C MET B 13 -62.64 -28.07 -37.92
N TRP B 14 -61.74 -27.38 -38.62
CA TRP B 14 -61.78 -27.38 -40.08
C TRP B 14 -61.21 -28.71 -40.49
N VAL B 15 -61.25 -29.01 -41.78
CA VAL B 15 -60.68 -30.24 -42.28
C VAL B 15 -59.29 -29.86 -42.79
N TYR B 16 -58.26 -30.25 -42.05
CA TYR B 16 -56.90 -29.92 -42.46
C TYR B 16 -56.42 -30.87 -43.55
N PRO B 17 -55.89 -30.34 -44.66
CA PRO B 17 -55.44 -31.24 -45.72
C PRO B 17 -54.32 -32.18 -45.25
N THR B 18 -54.19 -33.30 -45.94
CA THR B 18 -53.16 -34.30 -45.63
C THR B 18 -51.85 -33.90 -46.34
N SER B 19 -51.98 -33.28 -47.51
CA SER B 19 -50.82 -32.83 -48.27
C SER B 19 -50.57 -31.33 -47.98
N THR B 20 -49.92 -31.08 -46.84
CA THR B 20 -49.59 -29.73 -46.40
C THR B 20 -48.64 -29.01 -47.36
N PHE B 21 -48.66 -27.68 -47.35
CA PHE B 21 -47.77 -26.91 -48.23
C PHE B 21 -47.51 -25.50 -47.73
N ASP B 22 -46.27 -25.06 -47.87
CA ASP B 22 -45.86 -23.73 -47.44
C ASP B 22 -45.47 -22.95 -48.68
N CYS B 23 -44.80 -21.82 -48.47
CA CYS B 23 -44.37 -20.95 -49.55
C CYS B 23 -43.25 -20.03 -49.09
N VAL B 24 -42.29 -19.83 -49.98
CA VAL B 24 -41.13 -18.98 -49.71
C VAL B 24 -41.29 -17.62 -50.37
N VAL B 25 -40.67 -16.60 -49.80
CA VAL B 25 -40.72 -15.22 -50.31
C VAL B 25 -39.35 -14.58 -50.10
N ALA B 26 -38.63 -14.35 -51.19
CA ALA B 26 -37.31 -13.73 -51.08
C ALA B 26 -36.82 -13.14 -52.39
N ASP B 27 -35.52 -12.88 -52.45
CA ASP B 27 -34.90 -12.32 -53.65
C ASP B 27 -35.54 -11.03 -54.12
N PRO B 28 -35.43 -9.97 -53.29
CA PRO B 28 -36.03 -8.68 -53.66
C PRO B 28 -35.57 -8.21 -55.04
N ARG B 29 -36.43 -8.48 -56.02
CA ARG B 29 -36.19 -8.10 -57.41
C ARG B 29 -36.46 -6.61 -57.59
N LYS B 30 -36.40 -6.16 -58.84
CA LYS B 30 -36.66 -4.76 -59.17
C LYS B 30 -37.35 -4.74 -60.52
N GLY B 31 -38.59 -4.25 -60.53
CA GLY B 31 -39.37 -4.18 -61.75
C GLY B 31 -40.03 -2.82 -61.94
N SER B 32 -40.67 -2.63 -63.09
CA SER B 32 -40.60 -1.37 -63.80
C SER B 32 -41.95 -0.99 -64.39
N LYS B 33 -42.16 0.32 -64.59
CA LYS B 33 -43.36 0.80 -65.27
C LYS B 33 -43.21 2.26 -65.67
N MET B 34 -42.33 2.52 -66.62
CA MET B 34 -42.13 3.87 -67.13
C MET B 34 -42.60 4.92 -66.13
N TYR B 35 -41.66 5.40 -65.31
CA TYR B 35 -41.88 6.62 -64.54
C TYR B 35 -40.56 7.35 -64.27
N GLY B 36 -39.47 6.79 -64.78
CA GLY B 36 -38.15 7.37 -64.60
C GLY B 36 -37.42 6.78 -63.40
N LEU B 37 -37.41 7.51 -62.29
CA LEU B 37 -36.75 7.06 -61.06
C LEU B 37 -37.84 6.72 -60.04
N LYS B 38 -38.67 5.72 -60.39
CA LYS B 38 -39.78 5.27 -59.54
C LYS B 38 -40.04 3.78 -59.67
N SER B 39 -39.00 2.97 -59.59
CA SER B 39 -39.16 1.51 -59.70
C SER B 39 -39.50 0.81 -58.39
N TYR B 40 -40.73 0.32 -58.30
CA TYR B 40 -41.22 -0.40 -57.13
C TYR B 40 -40.49 -1.73 -56.94
N ILE B 41 -40.31 -2.13 -55.68
CA ILE B 41 -39.66 -3.40 -55.36
C ILE B 41 -40.64 -4.54 -55.62
N GLU B 42 -40.11 -5.68 -56.05
CA GLU B 42 -40.93 -6.84 -56.35
C GLU B 42 -40.36 -8.08 -55.62
N TYR B 43 -41.22 -8.87 -55.01
CA TYR B 43 -40.74 -10.05 -54.29
C TYR B 43 -41.04 -11.30 -55.08
N GLN B 44 -40.44 -12.41 -54.68
CA GLN B 44 -40.68 -13.66 -55.40
C GLN B 44 -41.29 -14.71 -54.52
N LEU B 45 -42.47 -15.19 -54.92
CA LEU B 45 -43.16 -16.22 -54.15
C LEU B 45 -42.99 -17.59 -54.78
N THR B 46 -42.21 -18.44 -54.14
CA THR B 46 -41.96 -19.78 -54.64
C THR B 46 -42.77 -20.82 -53.85
N PRO B 47 -43.90 -21.28 -54.38
CA PRO B 47 -44.66 -22.27 -53.63
C PRO B 47 -43.83 -23.53 -53.51
N THR B 48 -44.24 -24.43 -52.64
CA THR B 48 -43.51 -25.67 -52.46
C THR B 48 -44.30 -26.78 -53.14
N ASN B 49 -45.59 -26.55 -53.24
CA ASN B 49 -46.44 -27.54 -53.84
C ASN B 49 -46.08 -27.82 -55.32
N THR B 50 -45.47 -26.87 -56.02
CA THR B 50 -45.16 -27.09 -57.44
C THR B 50 -43.86 -26.46 -57.97
N ASN B 51 -43.10 -25.78 -57.10
CA ASN B 51 -41.82 -25.20 -57.52
C ASN B 51 -41.85 -24.12 -58.59
N ARG B 52 -43.05 -23.80 -59.09
CA ARG B 52 -43.19 -22.77 -60.11
C ARG B 52 -43.29 -21.42 -59.44
N SER B 53 -42.27 -20.59 -59.69
CA SER B 53 -42.19 -19.28 -59.06
C SER B 53 -43.03 -18.17 -59.67
N VAL B 54 -43.20 -17.10 -58.89
CA VAL B 54 -44.01 -15.96 -59.31
C VAL B 54 -43.47 -14.68 -58.64
N ASN B 55 -43.81 -13.51 -59.19
CA ASN B 55 -43.36 -12.24 -58.62
C ASN B 55 -44.56 -11.43 -58.13
N HIS B 56 -44.33 -10.55 -57.16
CA HIS B 56 -45.39 -9.70 -56.61
C HIS B 56 -44.82 -8.51 -55.88
N ARG B 57 -45.29 -7.31 -56.23
CA ARG B 57 -44.85 -6.09 -55.57
C ARG B 57 -45.71 -6.00 -54.30
N TYR B 58 -45.28 -5.19 -53.32
CA TYR B 58 -46.05 -5.08 -52.09
C TYR B 58 -47.52 -4.75 -52.31
N LYS B 59 -47.75 -3.81 -53.22
CA LYS B 59 -49.10 -3.37 -53.57
C LYS B 59 -50.06 -4.51 -53.88
N HIS B 60 -49.52 -5.62 -54.36
CA HIS B 60 -50.31 -6.81 -54.73
C HIS B 60 -50.72 -7.61 -53.51
N PHE B 61 -49.86 -7.58 -52.50
CA PHE B 61 -50.14 -8.27 -51.27
C PHE B 61 -51.27 -7.54 -50.56
N ASP B 62 -51.20 -6.21 -50.59
CA ASP B 62 -52.23 -5.37 -50.00
C ASP B 62 -53.55 -5.72 -50.68
N TRP B 63 -53.49 -5.88 -51.99
CA TRP B 63 -54.65 -6.24 -52.78
C TRP B 63 -55.16 -7.57 -52.31
N LEU B 64 -54.24 -8.52 -52.17
CA LEU B 64 -54.58 -9.87 -51.69
C LEU B 64 -55.23 -9.79 -50.31
N TYR B 65 -54.65 -8.94 -49.47
CA TYR B 65 -55.14 -8.74 -48.12
C TYR B 65 -56.60 -8.30 -48.09
N GLU B 66 -56.90 -7.20 -48.78
CA GLU B 66 -58.26 -6.70 -48.83
C GLU B 66 -59.24 -7.75 -49.30
N ARG B 67 -58.84 -8.54 -50.29
CA ARG B 67 -59.73 -9.56 -50.80
C ARG B 67 -60.05 -10.55 -49.71
N LEU B 68 -59.00 -11.12 -49.11
CA LEU B 68 -59.17 -12.10 -48.01
C LEU B 68 -59.99 -11.55 -46.86
N LEU B 69 -59.77 -10.27 -46.56
CA LEU B 69 -60.49 -9.59 -45.50
C LEU B 69 -61.96 -9.50 -45.88
N VAL B 70 -62.23 -9.02 -47.09
CA VAL B 70 -63.59 -8.89 -47.57
C VAL B 70 -64.31 -10.24 -47.69
N LYS B 71 -63.61 -11.25 -48.19
CA LYS B 71 -64.24 -12.56 -48.35
C LYS B 71 -64.53 -13.34 -47.08
N PHE B 72 -63.53 -13.53 -46.23
CA PHE B 72 -63.72 -14.31 -45.01
C PHE B 72 -63.71 -13.50 -43.71
N GLY B 73 -63.38 -12.22 -43.82
CA GLY B 73 -63.31 -11.34 -42.66
C GLY B 73 -64.37 -11.47 -41.58
N SER B 74 -65.55 -11.97 -41.94
CA SER B 74 -66.62 -12.11 -40.96
C SER B 74 -66.56 -13.43 -40.19
N ALA B 75 -65.52 -14.23 -40.45
CA ALA B 75 -65.38 -15.52 -39.80
C ALA B 75 -63.94 -15.91 -39.43
N ILE B 76 -62.98 -15.48 -40.21
CA ILE B 76 -61.59 -15.84 -39.97
C ILE B 76 -60.69 -14.62 -39.77
N PRO B 77 -59.95 -14.57 -38.66
CA PRO B 77 -59.11 -13.40 -38.50
C PRO B 77 -58.09 -13.39 -39.63
N ILE B 78 -57.78 -12.22 -40.18
CA ILE B 78 -56.82 -12.15 -41.27
C ILE B 78 -55.58 -11.40 -40.80
N PRO B 79 -54.43 -12.08 -40.81
CA PRO B 79 -53.17 -11.43 -40.38
C PRO B 79 -52.96 -10.04 -40.94
N SER B 80 -52.50 -9.14 -40.10
CA SER B 80 -52.26 -7.77 -40.53
C SER B 80 -51.02 -7.69 -41.38
N LEU B 81 -51.06 -6.81 -42.37
CA LEU B 81 -49.94 -6.60 -43.26
C LEU B 81 -49.24 -5.42 -42.59
N PRO B 82 -47.89 -5.38 -42.59
CA PRO B 82 -47.17 -4.28 -41.97
C PRO B 82 -47.53 -2.86 -42.45
N ASP B 83 -47.35 -1.88 -41.57
CA ASP B 83 -47.64 -0.47 -41.86
C ASP B 83 -46.98 -0.02 -43.17
N LYS B 84 -47.31 1.20 -43.59
CA LYS B 84 -46.78 1.82 -44.78
C LYS B 84 -45.88 3.00 -44.33
N GLN B 85 -44.66 2.62 -43.94
CA GLN B 85 -43.56 3.44 -43.38
C GLN B 85 -42.95 4.75 -43.85
N VAL B 86 -41.91 5.08 -43.09
CA VAL B 86 -41.09 6.29 -43.16
C VAL B 86 -40.44 6.76 -44.46
N THR B 87 -41.10 6.48 -45.57
CA THR B 87 -40.61 6.86 -46.89
C THR B 87 -39.16 6.42 -47.12
N GLY B 88 -38.83 5.23 -46.70
CA GLY B 88 -37.50 4.69 -46.92
C GLY B 88 -37.60 3.52 -47.86
N ARG B 89 -38.29 3.76 -48.98
CA ARG B 89 -38.54 2.76 -50.03
C ARG B 89 -37.36 1.95 -50.59
N PHE B 90 -36.10 2.35 -50.37
CA PHE B 90 -35.04 1.59 -51.02
C PHE B 90 -33.75 0.98 -50.46
N GLU B 91 -33.67 0.59 -49.19
CA GLU B 91 -32.38 -0.01 -48.83
C GLU B 91 -32.42 -1.35 -48.11
N GLU B 92 -31.22 -1.87 -47.80
CA GLU B 92 -31.03 -3.14 -47.12
C GLU B 92 -32.07 -3.40 -46.03
N GLU B 93 -31.92 -2.68 -44.93
CA GLU B 93 -32.78 -2.75 -43.75
C GLU B 93 -34.27 -2.87 -44.05
N PHE B 94 -34.81 -1.84 -44.71
CA PHE B 94 -36.24 -1.79 -45.05
C PHE B 94 -36.79 -3.04 -45.70
N ILE B 95 -36.24 -3.40 -46.87
CA ILE B 95 -36.69 -4.57 -47.60
C ILE B 95 -36.54 -5.85 -46.79
N LYS B 96 -35.50 -5.88 -45.97
CA LYS B 96 -35.22 -7.05 -45.15
C LYS B 96 -36.36 -7.32 -44.16
N MET B 97 -36.60 -6.39 -43.23
CA MET B 97 -37.65 -6.54 -42.24
C MET B 97 -39.03 -6.68 -42.91
N ARG B 98 -39.24 -5.95 -43.99
CA ARG B 98 -40.50 -6.06 -44.72
C ARG B 98 -40.64 -7.47 -45.30
N MET B 99 -39.59 -7.96 -45.97
CA MET B 99 -39.62 -9.28 -46.55
C MET B 99 -39.77 -10.36 -45.47
N GLU B 100 -39.26 -10.04 -44.28
CA GLU B 100 -39.35 -10.95 -43.14
C GLU B 100 -40.82 -11.03 -42.73
N ARG B 101 -41.46 -9.87 -42.64
CA ARG B 101 -42.86 -9.81 -42.26
C ARG B 101 -43.79 -10.40 -43.30
N LEU B 102 -43.41 -10.32 -44.58
CA LEU B 102 -44.22 -10.88 -45.66
C LEU B 102 -44.10 -12.38 -45.65
N GLN B 103 -42.88 -12.86 -45.39
CA GLN B 103 -42.65 -14.28 -45.33
C GLN B 103 -43.56 -14.91 -44.28
N ALA B 104 -43.50 -14.38 -43.06
CA ALA B 104 -44.33 -14.87 -41.96
C ALA B 104 -45.81 -14.74 -42.28
N TRP B 105 -46.18 -13.69 -43.00
CA TRP B 105 -47.59 -13.45 -43.38
C TRP B 105 -48.06 -14.54 -44.34
N MET B 106 -47.24 -14.84 -45.36
CA MET B 106 -47.57 -15.87 -46.34
C MET B 106 -47.73 -17.26 -45.72
N THR B 107 -46.81 -17.58 -44.81
CA THR B 107 -46.81 -18.87 -44.14
C THR B 107 -48.06 -19.03 -43.30
N ARG B 108 -48.54 -17.93 -42.73
CA ARG B 108 -49.76 -17.99 -41.94
C ARG B 108 -50.92 -18.46 -42.82
N MET B 109 -51.04 -17.84 -43.99
CA MET B 109 -52.11 -18.15 -44.93
C MET B 109 -51.99 -19.55 -45.45
N CYS B 110 -50.79 -19.94 -45.84
CA CYS B 110 -50.56 -21.27 -46.35
C CYS B 110 -50.95 -22.29 -45.31
N ARG B 111 -50.67 -21.99 -44.05
CA ARG B 111 -51.02 -22.92 -43.01
C ARG B 111 -52.52 -22.95 -42.70
N HIS B 112 -53.30 -22.02 -43.25
CA HIS B 112 -54.72 -22.05 -42.94
C HIS B 112 -55.52 -22.95 -43.86
N PRO B 113 -56.12 -24.00 -43.28
CA PRO B 113 -56.93 -24.97 -44.00
C PRO B 113 -58.00 -24.40 -44.90
N VAL B 114 -58.57 -23.26 -44.53
CA VAL B 114 -59.63 -22.67 -45.34
C VAL B 114 -59.12 -21.65 -46.34
N ILE B 115 -58.23 -20.78 -45.90
CA ILE B 115 -57.70 -19.75 -46.75
C ILE B 115 -56.78 -20.31 -47.83
N SER B 116 -55.82 -21.12 -47.42
CA SER B 116 -54.86 -21.71 -48.33
C SER B 116 -55.48 -22.39 -49.55
N GLU B 117 -56.66 -22.98 -49.39
CA GLU B 117 -57.29 -23.64 -50.53
C GLU B 117 -58.50 -22.89 -51.11
N SER B 118 -58.39 -21.58 -51.16
CA SER B 118 -59.44 -20.75 -51.72
C SER B 118 -58.97 -20.38 -53.11
N GLU B 119 -59.88 -19.90 -53.96
CA GLU B 119 -59.52 -19.52 -55.32
C GLU B 119 -58.63 -18.29 -55.39
N VAL B 120 -59.06 -17.22 -54.73
CA VAL B 120 -58.31 -15.98 -54.74
C VAL B 120 -56.87 -16.16 -54.27
N PHE B 121 -56.69 -16.80 -53.12
CA PHE B 121 -55.35 -17.01 -52.60
C PHE B 121 -54.53 -17.87 -53.53
N GLN B 122 -55.13 -18.97 -53.96
CA GLN B 122 -54.48 -19.89 -54.86
C GLN B 122 -54.02 -19.22 -56.16
N GLN B 123 -54.97 -18.62 -56.87
CA GLN B 123 -54.66 -17.95 -58.12
C GLN B 123 -53.66 -16.85 -57.92
N PHE B 124 -53.62 -16.30 -56.71
CA PHE B 124 -52.66 -15.24 -56.38
C PHE B 124 -51.26 -15.79 -56.61
N LEU B 125 -51.08 -17.07 -56.31
CA LEU B 125 -49.80 -17.72 -56.47
C LEU B 125 -49.57 -18.21 -57.90
N ASN B 126 -50.18 -19.35 -58.23
CA ASN B 126 -50.02 -19.95 -59.55
C ASN B 126 -50.74 -19.26 -60.72
N PHE B 127 -49.99 -18.41 -61.43
CA PHE B 127 -50.50 -17.70 -62.60
C PHE B 127 -49.32 -17.46 -63.55
N ARG B 128 -49.53 -17.68 -64.85
CA ARG B 128 -48.45 -17.51 -65.83
C ARG B 128 -48.50 -16.21 -66.60
N ASP B 129 -49.60 -15.99 -67.33
CA ASP B 129 -49.76 -14.79 -68.13
C ASP B 129 -49.84 -13.51 -67.30
N GLU B 130 -49.37 -12.42 -67.89
CA GLU B 130 -49.40 -11.11 -67.24
C GLU B 130 -50.85 -10.64 -67.30
N LYS B 131 -51.66 -11.41 -68.04
CA LYS B 131 -53.08 -11.15 -68.24
C LYS B 131 -53.92 -12.22 -67.56
N GLU B 132 -53.34 -13.40 -67.36
CA GLU B 132 -54.04 -14.49 -66.70
C GLU B 132 -54.31 -14.04 -65.27
N TRP B 133 -53.53 -13.04 -64.87
CA TRP B 133 -53.59 -12.42 -63.56
C TRP B 133 -54.74 -11.41 -63.49
N LYS B 134 -54.75 -10.47 -64.45
CA LYS B 134 -55.79 -9.46 -64.52
C LYS B 134 -57.17 -10.12 -64.47
N THR B 135 -57.28 -11.28 -65.11
CA THR B 135 -58.52 -12.04 -65.14
C THR B 135 -58.92 -12.45 -63.73
N GLY B 136 -57.96 -13.00 -62.99
CA GLY B 136 -58.20 -13.43 -61.62
C GLY B 136 -58.55 -12.26 -60.71
N LYS B 137 -57.73 -11.22 -60.77
CA LYS B 137 -57.96 -10.02 -59.99
C LYS B 137 -59.38 -9.52 -60.27
N ARG B 138 -59.86 -9.73 -61.50
CA ARG B 138 -61.19 -9.31 -61.87
C ARG B 138 -62.22 -10.27 -61.27
N LYS B 139 -62.02 -11.57 -61.45
CA LYS B 139 -62.94 -12.56 -60.92
C LYS B 139 -63.09 -12.41 -59.42
N ALA B 140 -61.95 -12.15 -58.76
CA ALA B 140 -61.90 -11.95 -57.32
C ALA B 140 -62.82 -10.82 -56.87
N GLU B 141 -62.67 -9.67 -57.52
CA GLU B 141 -63.45 -8.48 -57.19
C GLU B 141 -64.95 -8.54 -57.41
N ARG B 142 -65.43 -9.58 -58.12
CA ARG B 142 -66.86 -9.72 -58.38
C ARG B 142 -67.47 -10.85 -57.55
N ASP B 143 -66.66 -11.51 -56.74
CA ASP B 143 -67.13 -12.62 -55.91
C ASP B 143 -68.05 -12.06 -54.83
N GLU B 144 -69.34 -12.31 -54.96
CA GLU B 144 -70.29 -11.79 -53.99
C GLU B 144 -70.46 -12.70 -52.79
N LEU B 145 -69.81 -13.86 -52.83
CA LEU B 145 -69.89 -14.80 -51.71
C LEU B 145 -68.88 -14.36 -50.65
N ALA B 146 -69.11 -13.18 -50.08
CA ALA B 146 -68.24 -12.60 -49.06
C ALA B 146 -69.05 -12.13 -47.86
N GLY B 147 -68.40 -11.35 -47.00
CA GLY B 147 -69.08 -10.84 -45.83
C GLY B 147 -69.77 -11.97 -45.11
N VAL B 148 -70.99 -11.74 -44.67
CA VAL B 148 -71.74 -12.76 -43.95
C VAL B 148 -72.01 -13.98 -44.84
N MET B 149 -72.19 -13.72 -46.12
CA MET B 149 -72.47 -14.76 -47.09
C MET B 149 -71.49 -15.91 -47.15
N ILE B 150 -70.26 -15.69 -46.67
CA ILE B 150 -69.26 -16.74 -46.70
C ILE B 150 -69.76 -17.97 -45.96
N PHE B 151 -70.56 -17.78 -44.92
CA PHE B 151 -71.08 -18.90 -44.14
C PHE B 151 -71.95 -19.79 -44.99
N SER B 152 -72.52 -19.22 -46.04
CA SER B 152 -73.38 -20.01 -46.93
C SER B 152 -72.63 -21.14 -47.62
N THR B 153 -71.31 -21.05 -47.65
CA THR B 153 -70.51 -22.08 -48.28
C THR B 153 -69.96 -23.10 -47.29
N MET B 154 -70.36 -22.98 -46.03
CA MET B 154 -69.89 -23.90 -45.01
C MET B 154 -70.84 -25.04 -44.72
N GLU B 155 -70.28 -26.23 -44.57
CA GLU B 155 -71.10 -27.41 -44.34
C GLU B 155 -70.70 -28.20 -43.11
N PRO B 156 -71.47 -28.05 -42.03
CA PRO B 156 -71.24 -28.73 -40.76
C PRO B 156 -71.65 -30.20 -40.79
N GLU B 157 -70.67 -31.09 -40.62
CA GLU B 157 -70.93 -32.52 -40.58
C GLU B 157 -71.30 -32.88 -39.14
N ALA B 158 -72.39 -32.28 -38.66
CA ALA B 158 -72.89 -32.46 -37.31
C ALA B 158 -74.30 -31.87 -37.23
N PRO B 159 -75.01 -32.10 -36.11
CA PRO B 159 -76.38 -31.62 -35.88
C PRO B 159 -76.52 -30.12 -35.66
N ASP B 160 -77.71 -29.70 -35.25
CA ASP B 160 -77.96 -28.29 -34.99
C ASP B 160 -77.70 -28.02 -33.52
N LEU B 161 -77.32 -26.78 -33.20
CA LEU B 161 -77.43 -26.27 -31.85
C LEU B 161 -78.36 -25.06 -31.79
N ASP B 162 -79.31 -25.08 -30.87
CA ASP B 162 -80.24 -23.98 -30.67
C ASP B 162 -79.51 -22.64 -30.79
N LEU B 163 -80.29 -21.57 -30.97
CA LEU B 163 -79.81 -20.22 -30.66
C LEU B 163 -79.08 -20.13 -29.34
N VAL B 164 -79.61 -20.78 -28.31
CA VAL B 164 -79.00 -20.78 -26.99
C VAL B 164 -77.55 -21.20 -27.04
N GLU B 165 -77.32 -22.43 -27.49
CA GLU B 165 -75.98 -22.97 -27.60
C GLU B 165 -75.08 -22.01 -28.36
N ILE B 166 -75.64 -21.30 -29.32
CA ILE B 166 -74.87 -20.36 -30.14
C ILE B 166 -74.35 -19.16 -29.36
N GLU B 167 -75.28 -18.44 -28.74
CA GLU B 167 -74.97 -17.27 -27.95
C GLU B 167 -73.90 -17.53 -26.91
N GLN B 168 -73.95 -18.73 -26.35
CA GLN B 168 -73.03 -19.18 -25.33
C GLN B 168 -71.61 -19.33 -25.84
N LYS B 169 -71.46 -19.94 -27.01
CA LYS B 169 -70.14 -20.12 -27.59
C LYS B 169 -69.60 -18.75 -27.98
N CYS B 170 -70.50 -17.83 -28.28
CA CYS B 170 -70.13 -16.48 -28.67
C CYS B 170 -69.50 -15.80 -27.46
N GLU B 171 -70.25 -15.73 -26.37
CA GLU B 171 -69.78 -15.12 -25.13
C GLU B 171 -68.40 -15.65 -24.79
N ALA B 172 -68.28 -16.96 -24.79
CA ALA B 172 -67.03 -17.61 -24.47
C ALA B 172 -65.85 -17.04 -25.23
N VAL B 173 -65.95 -17.02 -26.56
CA VAL B 173 -64.85 -16.51 -27.38
C VAL B 173 -64.57 -15.08 -27.00
N GLY B 174 -65.64 -14.30 -26.85
CA GLY B 174 -65.54 -12.90 -26.49
C GLY B 174 -64.83 -12.66 -25.18
N LYS B 175 -64.97 -13.59 -24.25
CA LYS B 175 -64.33 -13.46 -22.95
C LYS B 175 -62.87 -13.93 -22.99
N PHE B 176 -62.58 -14.93 -23.81
CA PHE B 176 -61.23 -15.42 -23.90
C PHE B 176 -60.34 -14.39 -24.59
N THR B 177 -60.74 -14.01 -25.80
CA THR B 177 -59.97 -13.05 -26.59
C THR B 177 -59.69 -11.74 -25.89
N LYS B 178 -60.69 -11.19 -25.19
CA LYS B 178 -60.53 -9.95 -24.46
C LYS B 178 -59.50 -10.19 -23.36
N ALA B 179 -59.65 -11.31 -22.66
CA ALA B 179 -58.72 -11.66 -21.60
C ALA B 179 -57.29 -11.77 -22.14
N MET B 180 -57.06 -12.61 -23.14
CA MET B 180 -55.72 -12.78 -23.70
C MET B 180 -55.16 -11.51 -24.30
N ASP B 181 -56.03 -10.69 -24.84
CA ASP B 181 -55.57 -9.45 -25.42
C ASP B 181 -54.97 -8.65 -24.28
N ASP B 182 -55.76 -8.45 -23.22
CA ASP B 182 -55.30 -7.70 -22.06
C ASP B 182 -53.99 -8.27 -21.55
N GLY B 183 -53.90 -9.59 -21.53
CA GLY B 183 -52.70 -10.26 -21.03
C GLY B 183 -51.45 -10.08 -21.85
N VAL B 184 -51.59 -10.16 -23.17
CA VAL B 184 -50.45 -9.99 -24.07
C VAL B 184 -50.00 -8.53 -24.12
N LYS B 185 -50.93 -7.61 -23.87
CA LYS B 185 -50.57 -6.20 -23.91
C LYS B 185 -49.61 -5.89 -22.79
N GLU B 186 -49.66 -6.68 -21.72
CA GLU B 186 -48.74 -6.44 -20.62
C GLU B 186 -47.41 -7.07 -20.95
N LEU B 187 -47.44 -8.34 -21.29
CA LEU B 187 -46.22 -9.04 -21.62
C LEU B 187 -45.39 -8.17 -22.57
N LEU B 188 -46.10 -7.45 -23.45
CA LEU B 188 -45.48 -6.55 -24.43
C LEU B 188 -44.88 -5.31 -23.79
N THR B 189 -45.57 -4.76 -22.80
CA THR B 189 -45.09 -3.55 -22.11
C THR B 189 -43.85 -3.79 -21.28
N VAL B 190 -43.85 -4.82 -20.45
CA VAL B 190 -42.66 -5.11 -19.63
C VAL B 190 -41.49 -5.48 -20.54
N GLY B 191 -41.78 -6.22 -21.60
CA GLY B 191 -40.74 -6.60 -22.53
C GLY B 191 -40.13 -5.37 -23.19
N GLN B 192 -40.99 -4.50 -23.71
CA GLN B 192 -40.50 -3.29 -24.35
C GLN B 192 -39.73 -2.45 -23.32
N GLU B 193 -40.20 -2.51 -22.07
CA GLU B 193 -39.63 -1.78 -20.95
C GLU B 193 -38.26 -2.35 -20.56
N HIS B 194 -38.16 -3.67 -20.61
CA HIS B 194 -36.93 -4.36 -20.27
C HIS B 194 -35.95 -4.15 -21.41
N TRP B 195 -36.47 -4.24 -22.63
CA TRP B 195 -35.65 -4.01 -23.80
C TRP B 195 -34.92 -2.67 -23.66
N LYS B 196 -35.72 -1.61 -23.59
CA LYS B 196 -35.25 -0.23 -23.47
C LYS B 196 -34.21 -0.05 -22.36
N ARG B 197 -34.25 -0.93 -21.36
CA ARG B 197 -33.31 -0.84 -20.26
C ARG B 197 -32.00 -1.61 -20.52
N CYS B 198 -32.05 -2.64 -21.37
CA CYS B 198 -30.85 -3.42 -21.66
C CYS B 198 -30.04 -2.80 -22.76
N THR B 199 -30.66 -1.92 -23.54
CA THR B 199 -29.93 -1.29 -24.64
C THR B 199 -29.49 0.12 -24.27
N GLY B 200 -29.79 0.54 -23.05
CA GLY B 200 -29.42 1.88 -22.63
C GLY B 200 -28.60 2.08 -21.38
N PRO B 201 -29.25 2.35 -20.24
CA PRO B 201 -28.59 2.57 -18.95
C PRO B 201 -27.77 1.40 -18.39
N LEU B 202 -28.22 0.17 -18.63
CA LEU B 202 -27.52 -0.99 -18.11
C LEU B 202 -26.12 -1.15 -18.67
N PRO B 203 -25.95 -0.97 -19.99
CA PRO B 203 -24.62 -1.12 -20.56
C PRO B 203 -23.70 -0.02 -20.06
N LYS B 204 -24.21 1.21 -20.03
CA LYS B 204 -23.42 2.35 -19.56
C LYS B 204 -22.80 2.06 -18.20
N GLU B 205 -23.52 1.32 -17.37
CA GLU B 205 -23.02 0.98 -16.05
C GLU B 205 -21.77 0.12 -16.17
N TYR B 206 -21.93 -1.05 -16.75
CA TYR B 206 -20.81 -1.95 -16.94
C TYR B 206 -19.70 -1.22 -17.68
N GLN B 207 -20.05 -0.14 -18.35
CA GLN B 207 -19.08 0.66 -19.10
C GLN B 207 -18.36 1.56 -18.11
N LYS B 208 -19.10 2.15 -17.17
CA LYS B 208 -18.51 3.03 -16.15
C LYS B 208 -17.59 2.24 -15.24
N ILE B 209 -18.02 1.02 -14.91
CA ILE B 209 -17.27 0.11 -14.06
C ILE B 209 -15.96 -0.23 -14.72
N GLY B 210 -16.06 -0.89 -15.87
CA GLY B 210 -14.90 -1.26 -16.63
C GLY B 210 -13.92 -0.13 -16.83
N LYS B 211 -14.39 1.11 -16.90
CA LYS B 211 -13.51 2.26 -17.08
C LYS B 211 -12.92 2.68 -15.74
N ALA B 212 -13.77 2.66 -14.71
CA ALA B 212 -13.34 3.04 -13.38
C ALA B 212 -12.16 2.17 -13.01
N LEU B 213 -12.29 0.88 -13.28
CA LEU B 213 -11.23 -0.06 -12.99
C LEU B 213 -9.98 0.33 -13.77
N GLN B 214 -10.11 0.48 -15.08
CA GLN B 214 -8.96 0.81 -15.90
C GLN B 214 -8.23 2.11 -15.54
N SER B 215 -8.96 3.10 -15.03
CA SER B 215 -8.28 4.32 -14.66
C SER B 215 -7.43 4.03 -13.42
N LEU B 216 -8.00 3.29 -12.49
CA LEU B 216 -7.33 2.93 -11.25
C LEU B 216 -6.03 2.20 -11.51
N ALA B 217 -6.06 1.20 -12.39
CA ALA B 217 -4.83 0.45 -12.73
C ALA B 217 -3.82 1.45 -13.24
N THR B 218 -4.30 2.40 -14.04
CA THR B 218 -3.44 3.42 -14.58
C THR B 218 -2.78 4.20 -13.46
N VAL B 219 -3.52 4.44 -12.38
CA VAL B 219 -2.97 5.19 -11.24
C VAL B 219 -1.92 4.36 -10.50
N PHE B 220 -2.20 3.08 -10.30
CA PHE B 220 -1.26 2.23 -9.60
C PHE B 220 0.05 2.23 -10.39
N SER B 221 -0.05 2.08 -11.70
CA SER B 221 1.13 2.03 -12.55
C SER B 221 2.03 3.25 -12.45
N SER B 222 1.53 4.36 -11.92
CA SER B 222 2.34 5.55 -11.76
C SER B 222 2.96 5.56 -10.37
N SER B 223 2.53 4.62 -9.54
CA SER B 223 3.03 4.52 -8.17
C SER B 223 4.54 4.62 -8.12
N GLY B 224 5.22 3.77 -8.90
CA GLY B 224 6.66 3.78 -8.92
C GLY B 224 7.18 2.97 -7.74
N TYR B 225 6.43 1.91 -7.43
CA TYR B 225 6.78 1.03 -6.34
C TYR B 225 7.53 -0.17 -6.89
N GLN B 226 8.70 -0.45 -6.32
CA GLN B 226 9.46 -1.63 -6.73
C GLN B 226 8.56 -2.82 -6.38
N GLY B 227 8.61 -3.88 -7.17
CA GLY B 227 7.82 -5.05 -6.81
C GLY B 227 6.36 -5.21 -7.17
N GLU B 228 5.98 -4.77 -8.35
CA GLU B 228 4.63 -4.89 -8.86
C GLU B 228 4.74 -4.72 -10.36
N THR B 229 3.79 -5.30 -11.07
CA THR B 229 3.68 -5.18 -12.52
C THR B 229 2.55 -6.04 -13.01
N ASP B 230 2.47 -7.21 -12.40
CA ASP B 230 1.49 -8.23 -12.72
C ASP B 230 0.04 -7.89 -12.44
N LEU B 231 -0.20 -7.12 -11.37
CA LEU B 231 -1.57 -6.74 -11.00
C LEU B 231 -2.21 -5.73 -11.93
N ASN B 232 -1.54 -4.61 -12.17
CA ASN B 232 -2.09 -3.58 -13.05
C ASN B 232 -2.54 -4.13 -14.40
N ASP B 233 -2.01 -5.28 -14.81
CA ASP B 233 -2.44 -5.86 -16.06
C ASP B 233 -3.77 -6.56 -15.84
N ALA B 234 -3.85 -7.34 -14.76
CA ALA B 234 -5.08 -8.05 -14.44
C ALA B 234 -6.24 -7.08 -14.29
N ILE B 235 -5.99 -5.98 -13.59
CA ILE B 235 -7.01 -4.96 -13.38
C ILE B 235 -7.48 -4.43 -14.71
N THR B 236 -6.58 -3.75 -15.42
CA THR B 236 -6.88 -3.18 -16.71
C THR B 236 -7.67 -4.12 -17.63
N GLU B 237 -7.37 -5.40 -17.60
CA GLU B 237 -8.08 -6.36 -18.44
C GLU B 237 -9.49 -6.58 -17.92
N ALA B 238 -9.64 -6.58 -16.60
CA ALA B 238 -10.94 -6.77 -15.99
C ALA B 238 -11.87 -5.67 -16.49
N GLY B 239 -11.35 -4.44 -16.54
CA GLY B 239 -12.15 -3.34 -17.02
C GLY B 239 -12.60 -3.54 -18.45
N LYS B 240 -11.64 -3.87 -19.32
CA LYS B 240 -11.92 -4.11 -20.73
C LYS B 240 -12.91 -5.27 -20.85
N THR B 241 -12.78 -6.24 -19.95
CA THR B 241 -13.69 -7.37 -19.99
C THR B 241 -15.09 -6.86 -19.66
N TYR B 242 -15.19 -5.88 -18.78
CA TYR B 242 -16.49 -5.39 -18.42
C TYR B 242 -17.09 -4.59 -19.55
N GLU B 243 -16.25 -3.83 -20.26
CA GLU B 243 -16.70 -3.04 -21.40
C GLU B 243 -17.32 -3.94 -22.47
N GLU B 244 -16.77 -5.13 -22.63
CA GLU B 244 -17.27 -6.08 -23.60
C GLU B 244 -18.60 -6.63 -23.13
N ILE B 245 -18.77 -6.72 -21.82
CA ILE B 245 -20.04 -7.23 -21.30
C ILE B 245 -21.10 -6.16 -21.53
N ALA B 246 -20.66 -4.91 -21.59
CA ALA B 246 -21.57 -3.80 -21.83
C ALA B 246 -22.12 -3.97 -23.23
N SER B 247 -21.24 -4.29 -24.17
CA SER B 247 -21.62 -4.50 -25.55
C SER B 247 -22.49 -5.73 -25.65
N LEU B 248 -22.01 -6.84 -25.13
CA LEU B 248 -22.76 -8.09 -25.17
C LEU B 248 -24.18 -7.88 -24.66
N VAL B 249 -24.29 -7.15 -23.57
CA VAL B 249 -25.59 -6.88 -22.97
C VAL B 249 -26.46 -6.06 -23.88
N ALA B 250 -25.96 -4.89 -24.27
CA ALA B 250 -26.70 -3.97 -25.14
C ALA B 250 -27.02 -4.56 -26.49
N GLU B 251 -26.49 -5.73 -26.80
CA GLU B 251 -26.73 -6.33 -28.09
C GLU B 251 -27.46 -7.66 -27.99
N GLN B 252 -28.06 -7.95 -26.84
CA GLN B 252 -28.73 -9.22 -26.70
C GLN B 252 -30.19 -9.28 -27.11
N PRO B 253 -30.98 -8.27 -26.76
CA PRO B 253 -32.41 -8.31 -27.14
C PRO B 253 -32.68 -8.67 -28.61
N LYS B 254 -31.75 -8.33 -29.49
CA LYS B 254 -31.91 -8.64 -30.89
C LYS B 254 -31.81 -10.13 -31.14
N LYS B 255 -31.49 -10.90 -30.11
CA LYS B 255 -31.32 -12.33 -30.31
C LYS B 255 -32.36 -13.21 -29.65
N ASP B 256 -33.18 -12.63 -28.77
CA ASP B 256 -34.22 -13.40 -28.08
C ASP B 256 -35.43 -12.58 -27.75
N LEU B 257 -35.24 -11.52 -26.99
CA LEU B 257 -36.32 -10.64 -26.61
C LEU B 257 -37.12 -10.31 -27.86
N HIS B 258 -36.40 -10.04 -28.93
CA HIS B 258 -37.02 -9.71 -30.20
C HIS B 258 -38.06 -10.70 -30.70
N PHE B 259 -37.72 -11.98 -30.71
CA PHE B 259 -38.65 -12.98 -31.19
C PHE B 259 -39.85 -13.06 -30.28
N LEU B 260 -39.60 -13.01 -28.98
CA LEU B 260 -40.69 -13.09 -28.02
C LEU B 260 -41.65 -11.93 -28.24
N MET B 261 -41.12 -10.73 -28.51
CA MET B 261 -41.95 -9.55 -28.76
C MET B 261 -42.78 -9.71 -30.05
N GLU B 262 -42.10 -10.04 -31.14
CA GLU B 262 -42.74 -10.25 -32.42
C GLU B 262 -43.90 -11.22 -32.33
N CYS B 263 -43.70 -12.35 -31.68
CA CYS B 263 -44.76 -13.32 -31.57
C CYS B 263 -45.99 -12.70 -30.90
N ASN B 264 -45.76 -11.87 -29.88
CA ASN B 264 -46.85 -11.24 -29.17
C ASN B 264 -47.53 -10.18 -30.00
N HIS B 265 -46.75 -9.49 -30.82
CA HIS B 265 -47.37 -8.49 -31.68
C HIS B 265 -48.30 -9.21 -32.63
N GLU B 266 -47.79 -10.21 -33.32
CA GLU B 266 -48.62 -10.95 -34.24
C GLU B 266 -49.95 -11.31 -33.59
N TYR B 267 -49.88 -11.77 -32.35
CA TYR B 267 -51.11 -12.16 -31.68
C TYR B 267 -51.97 -11.00 -31.22
N LYS B 268 -51.36 -9.87 -30.86
CA LYS B 268 -52.16 -8.72 -30.47
C LYS B 268 -52.99 -8.38 -31.72
N GLY B 269 -52.40 -8.66 -32.89
CA GLY B 269 -53.06 -8.43 -34.16
C GLY B 269 -54.28 -9.31 -34.37
N PHE B 270 -54.14 -10.62 -34.19
CA PHE B 270 -55.28 -11.54 -34.35
C PHE B 270 -56.39 -11.13 -33.41
N LEU B 271 -56.01 -10.82 -32.18
CA LEU B 271 -56.99 -10.44 -31.16
C LEU B 271 -57.73 -9.16 -31.53
N GLY B 272 -57.01 -8.17 -32.01
CA GLY B 272 -57.66 -6.92 -32.37
C GLY B 272 -58.80 -7.13 -33.34
N CYS B 273 -58.80 -8.26 -34.02
CA CYS B 273 -59.83 -8.54 -35.00
C CYS B 273 -61.14 -9.04 -34.45
N PHE B 274 -61.11 -9.62 -33.26
CA PHE B 274 -62.34 -10.17 -32.72
C PHE B 274 -63.43 -9.17 -32.39
N PRO B 275 -63.07 -7.93 -32.06
CA PRO B 275 -64.08 -6.93 -31.75
C PRO B 275 -65.12 -6.90 -32.86
N ASP B 276 -64.67 -6.95 -34.11
CA ASP B 276 -65.57 -6.95 -35.29
C ASP B 276 -66.27 -8.29 -35.48
N ILE B 277 -65.49 -9.36 -35.49
CA ILE B 277 -66.02 -10.69 -35.76
C ILE B 277 -67.11 -11.06 -34.75
N ILE B 278 -67.03 -10.47 -33.56
CA ILE B 278 -67.91 -10.85 -32.46
C ILE B 278 -69.21 -10.05 -32.48
N GLY B 279 -69.14 -8.85 -33.06
CA GLY B 279 -70.31 -7.97 -33.12
C GLY B 279 -71.35 -8.47 -34.13
N THR B 280 -70.86 -9.16 -35.15
CA THR B 280 -71.70 -9.72 -36.18
C THR B 280 -72.39 -10.99 -35.70
N HIS B 281 -71.67 -11.81 -34.94
CA HIS B 281 -72.27 -13.03 -34.43
C HIS B 281 -73.30 -12.66 -33.37
N LYS B 282 -72.98 -11.66 -32.56
CA LYS B 282 -73.87 -11.18 -31.50
C LYS B 282 -75.17 -10.69 -32.10
N GLY B 283 -75.06 -9.95 -33.19
CA GLY B 283 -76.24 -9.44 -33.85
C GLY B 283 -77.03 -10.59 -34.42
N ALA B 284 -76.33 -11.58 -34.96
CA ALA B 284 -76.98 -12.74 -35.55
C ALA B 284 -77.78 -13.54 -34.53
N ILE B 285 -77.17 -13.77 -33.35
CA ILE B 285 -77.79 -14.50 -32.25
C ILE B 285 -78.97 -13.72 -31.66
N GLU B 286 -78.84 -12.40 -31.66
CA GLU B 286 -79.88 -11.53 -31.15
C GLU B 286 -81.07 -11.53 -32.10
N LYS B 287 -80.77 -11.56 -33.40
CA LYS B 287 -81.79 -11.55 -34.43
C LYS B 287 -82.52 -12.89 -34.45
N VAL B 288 -81.92 -13.93 -33.88
CA VAL B 288 -82.57 -15.22 -33.89
C VAL B 288 -83.52 -15.39 -32.70
N LYS B 289 -83.40 -14.49 -31.73
CA LYS B 289 -84.28 -14.55 -30.56
C LYS B 289 -85.66 -14.00 -30.97
N GLU B 290 -85.66 -13.08 -31.92
CA GLU B 290 -86.92 -12.48 -32.41
C GLU B 290 -87.65 -13.46 -33.31
N SER B 291 -87.04 -14.62 -33.56
CA SER B 291 -87.67 -15.61 -34.40
C SER B 291 -89.09 -15.79 -33.89
N ASP B 292 -89.23 -16.35 -32.69
CA ASP B 292 -90.55 -16.56 -32.09
C ASP B 292 -91.42 -15.31 -32.18
N LYS B 293 -90.92 -14.19 -31.71
CA LYS B 293 -91.71 -12.96 -31.75
C LYS B 293 -92.23 -12.71 -33.16
N LEU B 294 -91.41 -13.03 -34.15
CA LEU B 294 -91.79 -12.84 -35.54
C LEU B 294 -92.86 -13.83 -35.99
N VAL B 295 -92.55 -15.12 -35.91
CA VAL B 295 -93.49 -16.16 -36.31
C VAL B 295 -94.90 -15.95 -35.78
N ALA B 296 -94.99 -15.39 -34.56
CA ALA B 296 -96.28 -15.12 -33.93
C ALA B 296 -96.94 -13.90 -34.53
N THR B 297 -96.13 -12.90 -34.86
CA THR B 297 -96.66 -11.68 -35.45
C THR B 297 -96.93 -11.92 -36.93
N SER B 298 -96.93 -13.21 -37.31
CA SER B 298 -97.17 -13.66 -38.69
C SER B 298 -96.26 -13.03 -39.74
N LYS B 299 -95.04 -12.66 -39.36
CA LYS B 299 -94.09 -12.05 -40.29
C LYS B 299 -93.39 -13.11 -41.12
N ILE B 300 -93.02 -14.22 -40.49
CA ILE B 300 -92.33 -15.29 -41.18
C ILE B 300 -92.97 -16.62 -40.82
N THR B 301 -92.44 -17.72 -41.38
CA THR B 301 -92.98 -19.04 -41.09
C THR B 301 -92.03 -19.90 -40.26
N LEU B 302 -92.59 -20.95 -39.68
CA LEU B 302 -91.85 -21.88 -38.85
C LEU B 302 -90.63 -22.41 -39.60
N GLN B 303 -90.78 -22.60 -40.91
CA GLN B 303 -89.70 -23.10 -41.77
C GLN B 303 -88.64 -21.99 -41.82
N ASP B 304 -89.11 -20.75 -41.96
CA ASP B 304 -88.21 -19.60 -42.00
C ASP B 304 -87.49 -19.53 -40.68
N LYS B 305 -88.22 -19.77 -39.60
CA LYS B 305 -87.68 -19.74 -38.25
C LYS B 305 -86.61 -20.82 -38.08
N GLN B 306 -86.95 -22.05 -38.41
CA GLN B 306 -86.03 -23.16 -38.28
C GLN B 306 -84.78 -22.99 -39.14
N ASN B 307 -84.86 -22.17 -40.18
CA ASN B 307 -83.69 -21.94 -41.02
C ASN B 307 -82.72 -21.04 -40.27
N MET B 308 -83.25 -19.93 -39.75
CA MET B 308 -82.47 -18.97 -38.98
C MET B 308 -81.60 -19.69 -37.95
N VAL B 309 -82.14 -20.78 -37.40
CA VAL B 309 -81.42 -21.56 -36.41
C VAL B 309 -80.30 -22.39 -37.03
N LYS B 310 -80.66 -23.28 -37.94
CA LYS B 310 -79.67 -24.12 -38.57
C LYS B 310 -78.60 -23.26 -39.22
N ARG B 311 -78.98 -22.04 -39.59
CA ARG B 311 -78.07 -21.11 -40.23
C ARG B 311 -77.11 -20.38 -39.29
N VAL B 312 -77.59 -19.94 -38.13
CA VAL B 312 -76.71 -19.25 -37.18
C VAL B 312 -75.80 -20.25 -36.48
N SER B 313 -76.14 -21.52 -36.59
CA SER B 313 -75.32 -22.59 -36.03
C SER B 313 -74.05 -22.64 -36.90
N ILE B 314 -74.24 -22.67 -38.22
CA ILE B 314 -73.13 -22.71 -39.14
C ILE B 314 -72.15 -21.61 -38.74
N MET B 315 -72.68 -20.47 -38.33
CA MET B 315 -71.83 -19.37 -37.92
C MET B 315 -70.95 -19.81 -36.76
N SER B 316 -71.58 -20.38 -35.75
CA SER B 316 -70.83 -20.83 -34.58
C SER B 316 -69.71 -21.80 -34.96
N TYR B 317 -70.05 -22.82 -35.74
CA TYR B 317 -69.05 -23.80 -36.18
C TYR B 317 -67.89 -23.11 -36.89
N ALA B 318 -68.21 -22.08 -37.64
CA ALA B 318 -67.17 -21.35 -38.37
C ALA B 318 -66.32 -20.56 -37.39
N LEU B 319 -66.98 -19.96 -36.41
CA LEU B 319 -66.28 -19.26 -35.33
C LEU B 319 -65.76 -20.24 -34.27
N GLN B 320 -66.39 -21.41 -34.20
CA GLN B 320 -65.79 -22.55 -33.53
C GLN B 320 -64.63 -23.12 -34.34
N ALA B 321 -64.78 -23.13 -35.66
CA ALA B 321 -63.77 -23.69 -36.54
C ALA B 321 -62.53 -22.81 -36.50
N GLU B 322 -62.74 -21.50 -36.50
CA GLU B 322 -61.66 -20.53 -36.48
C GLU B 322 -60.88 -20.55 -35.16
N MET B 323 -61.58 -20.55 -34.03
CA MET B 323 -60.92 -20.59 -32.73
C MET B 323 -60.05 -21.86 -32.64
N ASN B 324 -60.65 -22.99 -32.95
CA ASN B 324 -59.92 -24.25 -32.91
C ASN B 324 -58.64 -24.20 -33.71
N HIS B 325 -58.61 -23.35 -34.73
CA HIS B 325 -57.42 -23.22 -35.53
C HIS B 325 -56.52 -22.28 -34.76
N PHE B 326 -57.13 -21.34 -34.05
CA PHE B 326 -56.37 -20.35 -33.29
C PHE B 326 -55.61 -21.07 -32.18
N HIS B 327 -56.37 -21.64 -31.24
CA HIS B 327 -55.80 -22.35 -30.09
C HIS B 327 -54.74 -23.34 -30.49
N SER B 328 -55.04 -24.09 -31.54
CA SER B 328 -54.12 -25.09 -32.05
C SER B 328 -52.78 -24.41 -32.30
N ASN B 329 -52.80 -23.36 -33.11
CA ASN B 329 -51.59 -22.63 -33.43
C ASN B 329 -51.03 -21.82 -32.28
N ARG B 330 -51.89 -21.32 -31.39
CA ARG B 330 -51.42 -20.54 -30.26
C ARG B 330 -50.46 -21.39 -29.45
N ILE B 331 -50.94 -22.57 -29.07
CA ILE B 331 -50.18 -23.53 -28.28
C ILE B 331 -48.86 -23.92 -28.90
N TYR B 332 -48.80 -23.98 -30.21
CA TYR B 332 -47.55 -24.35 -30.86
C TYR B 332 -46.59 -23.17 -30.81
N ASP B 333 -47.10 -22.01 -31.21
CA ASP B 333 -46.31 -20.78 -31.25
C ASP B 333 -45.63 -20.34 -29.97
N TYR B 334 -46.39 -20.24 -28.88
CA TYR B 334 -45.81 -19.82 -27.61
C TYR B 334 -44.84 -20.86 -27.06
N ASN B 335 -45.12 -22.12 -27.31
CA ASN B 335 -44.23 -23.17 -26.87
C ASN B 335 -42.89 -23.14 -27.62
N SER B 336 -42.84 -22.48 -28.77
CA SER B 336 -41.61 -22.44 -29.57
C SER B 336 -40.80 -21.20 -29.31
N VAL B 337 -41.50 -20.06 -29.19
CA VAL B 337 -40.79 -18.81 -28.95
C VAL B 337 -40.22 -18.80 -27.52
N ILE B 338 -41.03 -19.19 -26.54
CA ILE B 338 -40.53 -19.24 -25.17
C ILE B 338 -39.33 -20.20 -25.13
N ARG B 339 -39.49 -21.37 -25.72
CA ARG B 339 -38.41 -22.35 -25.77
C ARG B 339 -37.19 -21.70 -26.39
N LEU B 340 -37.43 -20.78 -27.29
CA LEU B 340 -36.34 -20.10 -27.98
C LEU B 340 -35.69 -19.03 -27.13
N TYR B 341 -36.54 -18.21 -26.48
CA TYR B 341 -36.08 -17.11 -25.63
C TYR B 341 -35.18 -17.66 -24.52
N LEU B 342 -35.66 -18.70 -23.84
CA LEU B 342 -34.90 -19.29 -22.75
C LEU B 342 -33.53 -19.76 -23.25
N GLU B 343 -33.52 -20.63 -24.25
CA GLU B 343 -32.27 -21.14 -24.82
C GLU B 343 -31.26 -20.05 -25.06
N GLN B 344 -31.72 -18.94 -25.63
CA GLN B 344 -30.85 -17.82 -25.91
C GLN B 344 -30.38 -17.19 -24.61
N GLN B 345 -31.29 -17.09 -23.65
CA GLN B 345 -30.97 -16.54 -22.36
C GLN B 345 -29.85 -17.35 -21.77
N VAL B 346 -30.09 -18.65 -21.61
CA VAL B 346 -29.09 -19.57 -21.07
C VAL B 346 -27.72 -19.23 -21.64
N GLN B 347 -27.55 -19.40 -22.94
CA GLN B 347 -26.27 -19.12 -23.59
C GLN B 347 -25.72 -17.76 -23.23
N PHE B 348 -26.62 -16.80 -23.02
CA PHE B 348 -26.18 -15.47 -22.69
C PHE B 348 -25.39 -15.46 -21.39
N TYR B 349 -26.02 -15.89 -20.30
CA TYR B 349 -25.40 -15.93 -18.99
C TYR B 349 -24.16 -16.82 -18.95
N GLU B 350 -24.25 -17.94 -19.64
CA GLU B 350 -23.15 -18.87 -19.75
C GLU B 350 -21.94 -18.13 -20.35
N THR B 351 -22.19 -17.32 -21.38
CA THR B 351 -21.14 -16.57 -22.08
C THR B 351 -20.52 -15.51 -21.19
N ILE B 352 -21.35 -14.72 -20.52
CA ILE B 352 -20.85 -13.68 -19.63
C ILE B 352 -19.95 -14.32 -18.58
N ALA B 353 -20.44 -15.39 -17.95
CA ALA B 353 -19.67 -16.12 -16.95
C ALA B 353 -18.29 -16.48 -17.49
N GLU B 354 -18.26 -17.07 -18.68
CA GLU B 354 -17.00 -17.44 -19.26
C GLU B 354 -16.11 -16.23 -19.45
N LYS B 355 -16.68 -15.08 -19.76
CA LYS B 355 -15.87 -13.88 -19.95
C LYS B 355 -15.23 -13.41 -18.64
N LEU B 356 -15.99 -13.49 -17.55
CA LEU B 356 -15.48 -13.10 -16.25
C LEU B 356 -14.38 -14.11 -15.86
N ARG B 357 -14.75 -15.39 -15.86
CA ARG B 357 -13.84 -16.47 -15.54
C ARG B 357 -12.46 -16.33 -16.18
N GLN B 358 -12.40 -15.59 -17.28
CA GLN B 358 -11.13 -15.37 -17.98
C GLN B 358 -10.31 -14.27 -17.31
N ALA B 359 -10.94 -13.13 -17.06
CA ALA B 359 -10.27 -12.01 -16.42
C ALA B 359 -9.86 -12.45 -15.03
N LEU B 360 -10.62 -13.38 -14.47
CA LEU B 360 -10.33 -13.91 -13.15
C LEU B 360 -8.98 -14.61 -13.16
N SER B 361 -8.85 -15.58 -14.06
CA SER B 361 -7.63 -16.36 -14.20
C SER B 361 -6.42 -15.52 -14.62
N ARG B 362 -6.39 -14.26 -14.21
CA ARG B 362 -5.28 -13.37 -14.53
C ARG B 362 -4.72 -12.80 -13.23
N PHE B 363 -5.48 -12.98 -12.15
CA PHE B 363 -5.08 -12.51 -10.82
C PHE B 363 -4.56 -13.71 -10.06
N PRO B 364 -3.30 -13.67 -9.65
CA PRO B 364 -2.76 -14.81 -8.92
C PRO B 364 -3.52 -15.05 -7.61
N VAL B 365 -3.69 -16.32 -7.26
CA VAL B 365 -3.50 -16.75 -5.87
C VAL B 365 -2.31 -16.05 -5.23
N MET B 366 -2.15 -14.76 -5.53
CA MET B 366 -1.95 -13.75 -4.50
C MET B 366 -0.60 -13.06 -4.66
N GLU C 1 35.25 3.59 14.86
CA GLU C 1 36.48 3.84 15.62
C GLU C 1 35.97 3.87 17.06
N LYS C 2 36.43 2.93 17.87
CA LYS C 2 35.96 2.86 19.24
C LYS C 2 36.62 3.82 20.21
N ILE C 3 35.83 4.71 20.78
CA ILE C 3 36.32 5.63 21.79
C ILE C 3 35.16 5.73 22.80
N PRO C 4 35.12 4.80 23.76
CA PRO C 4 34.07 4.75 24.79
C PRO C 4 34.45 5.44 26.12
N ILE C 5 33.43 5.95 26.80
CA ILE C 5 33.60 6.63 28.08
C ILE C 5 32.62 5.99 29.06
N ILE C 6 33.14 5.49 30.18
CA ILE C 6 32.30 4.86 31.18
C ILE C 6 32.35 5.76 32.40
N VAL C 7 31.50 5.50 33.38
CA VAL C 7 31.52 6.31 34.59
C VAL C 7 32.15 5.46 35.68
N GLY C 8 32.45 6.10 36.81
CA GLY C 8 33.06 5.40 37.93
C GLY C 8 32.87 6.20 39.21
N ASP C 9 33.60 5.82 40.26
CA ASP C 9 33.51 6.52 41.53
C ASP C 9 34.12 7.90 41.36
N TYR C 10 35.25 7.95 40.66
CA TYR C 10 35.95 9.20 40.40
C TYR C 10 35.25 9.94 39.25
N GLY C 11 34.26 9.30 38.67
CA GLY C 11 33.54 9.92 37.58
C GLY C 11 33.94 9.36 36.23
N PRO C 12 33.52 10.00 35.15
CA PRO C 12 33.88 9.51 33.83
C PRO C 12 35.38 9.26 33.66
N MET C 13 35.73 8.30 32.84
CA MET C 13 37.12 7.94 32.59
C MET C 13 37.13 7.15 31.30
N TRP C 14 38.29 7.06 30.67
CA TRP C 14 38.40 6.29 29.43
C TRP C 14 38.40 4.85 29.85
N VAL C 15 38.36 3.94 28.89
CA VAL C 15 38.42 2.51 29.20
C VAL C 15 39.87 2.12 29.02
N TYR C 16 40.57 1.88 30.13
CA TYR C 16 41.97 1.50 30.04
C TYR C 16 42.10 0.03 29.70
N PRO C 17 42.92 -0.30 28.69
CA PRO C 17 43.06 -1.72 28.33
C PRO C 17 43.63 -2.55 29.48
N THR C 18 43.33 -3.85 29.45
CA THR C 18 43.81 -4.78 30.47
C THR C 18 45.23 -5.26 30.10
N SER C 19 45.49 -5.34 28.79
CA SER C 19 46.80 -5.75 28.29
C SER C 19 47.63 -4.50 27.95
N THR C 20 48.21 -3.90 28.98
CA THR C 20 49.03 -2.70 28.85
C THR C 20 50.28 -2.95 28.00
N PHE C 21 50.83 -1.89 27.41
CA PHE C 21 52.03 -2.02 26.59
C PHE C 21 52.81 -0.72 26.46
N ASP C 22 54.14 -0.84 26.51
CA ASP C 22 55.02 0.32 26.40
C ASP C 22 55.83 0.14 25.12
N CYS C 23 56.88 0.95 25.00
CA CYS C 23 57.73 0.92 23.82
C CYS C 23 59.09 1.54 24.13
N VAL C 24 60.14 0.93 23.59
CA VAL C 24 61.51 1.38 23.78
C VAL C 24 62.00 2.14 22.56
N VAL C 25 62.93 3.07 22.78
CA VAL C 25 63.51 3.90 21.71
C VAL C 25 65.00 4.09 22.01
N ALA C 26 65.86 3.46 21.20
CA ALA C 26 67.17 3.05 21.64
C ALA C 26 68.17 4.20 21.53
N ASP C 27 69.46 3.86 21.57
CA ASP C 27 70.19 3.51 20.35
C ASP C 27 69.85 4.47 19.22
N PRO C 28 70.88 5.00 18.57
CA PRO C 28 70.70 6.03 17.54
C PRO C 28 71.23 5.57 16.18
N ARG C 29 70.98 6.37 15.14
CA ARG C 29 71.28 5.97 13.78
C ARG C 29 71.34 7.17 12.85
N LYS C 30 72.18 7.08 11.82
CA LYS C 30 71.82 7.54 10.49
C LYS C 30 72.00 6.44 9.45
N GLY C 31 71.00 6.26 8.60
CA GLY C 31 70.75 7.18 7.51
C GLY C 31 71.54 6.82 6.26
N SER C 32 70.89 6.88 5.11
CA SER C 32 71.49 7.45 3.92
C SER C 32 70.43 7.75 2.86
N LYS C 33 70.34 9.02 2.47
CA LYS C 33 69.52 9.42 1.32
C LYS C 33 70.37 10.32 0.41
N MET C 34 71.14 9.70 -0.47
CA MET C 34 72.02 10.42 -1.38
C MET C 34 72.05 11.91 -1.04
N TYR C 35 72.86 12.27 -0.04
CA TYR C 35 72.63 13.49 0.73
C TYR C 35 73.86 13.87 1.54
N GLY C 36 74.67 12.86 1.89
CA GLY C 36 76.08 12.88 1.56
C GLY C 36 76.96 13.14 2.77
N LEU C 37 77.62 14.29 2.78
CA LEU C 37 77.18 15.43 3.56
C LEU C 37 76.32 15.00 4.74
N LYS C 38 75.18 14.40 4.44
CA LYS C 38 73.91 14.84 5.02
C LYS C 38 73.05 13.69 5.51
N SER C 39 73.64 12.76 6.26
CA SER C 39 72.90 11.61 6.76
C SER C 39 72.16 11.85 8.08
N TYR C 40 70.84 11.89 8.00
CA TYR C 40 69.98 12.10 9.15
C TYR C 40 70.06 10.93 10.14
N ILE C 41 69.92 11.22 11.43
CA ILE C 41 69.95 10.19 12.46
C ILE C 41 68.61 9.46 12.47
N GLU C 42 68.65 8.18 12.78
CA GLU C 42 67.45 7.35 12.81
C GLU C 42 67.37 6.58 14.14
N TYR C 43 66.20 6.56 14.75
CA TYR C 43 66.06 5.86 16.03
C TYR C 43 65.34 4.55 15.84
N GLN C 44 65.39 3.69 16.85
CA GLN C 44 64.72 2.41 16.73
C GLN C 44 63.62 2.23 17.77
N LEU C 45 62.42 2.01 17.30
CA LEU C 45 61.29 1.82 18.20
C LEU C 45 60.92 0.35 18.33
N THR C 46 61.20 -0.21 19.49
CA THR C 46 60.91 -1.61 19.75
C THR C 46 59.67 -1.76 20.63
N PRO C 47 58.50 -2.06 20.05
CA PRO C 47 57.32 -2.21 20.90
C PRO C 47 57.53 -3.40 21.82
N THR C 48 56.70 -3.51 22.84
CA THR C 48 56.82 -4.62 23.77
C THR C 48 55.71 -5.61 23.45
N ASN C 49 54.65 -5.08 22.88
CA ASN C 49 53.52 -5.92 22.56
C ASN C 49 53.87 -7.03 21.55
N THR C 50 54.90 -6.85 20.72
CA THR C 50 55.22 -7.88 19.72
C THR C 50 56.71 -8.06 19.38
N ASN C 51 57.60 -7.30 20.03
CA ASN C 51 59.04 -7.47 19.80
C ASN C 51 59.57 -7.17 18.41
N ARG C 52 58.67 -6.82 17.49
CA ARG C 52 59.08 -6.51 16.12
C ARG C 52 59.49 -5.05 16.05
N SER C 53 60.78 -4.84 15.79
CA SER C 53 61.35 -3.51 15.74
C SER C 53 61.11 -2.69 14.47
N VAL C 54 61.33 -1.39 14.58
CA VAL C 54 61.27 -0.50 13.42
C VAL C 54 61.81 0.89 13.76
N ASN C 55 61.94 1.73 12.74
CA ASN C 55 61.57 3.14 12.86
C ASN C 55 62.45 4.03 11.98
N HIS C 56 62.92 5.14 12.55
CA HIS C 56 62.16 6.38 12.55
C HIS C 56 63.07 7.58 12.83
N ARG C 57 63.30 8.39 11.81
CA ARG C 57 64.15 9.57 11.93
C ARG C 57 63.30 10.59 12.71
N TYR C 58 63.93 11.61 13.29
CA TYR C 58 63.16 12.60 14.05
C TYR C 58 61.99 13.18 13.27
N LYS C 59 62.26 13.52 12.02
CA LYS C 59 61.28 14.09 11.12
C LYS C 59 59.96 13.33 11.08
N HIS C 60 60.02 12.02 11.33
CA HIS C 60 58.85 11.14 11.32
C HIS C 60 58.03 11.29 12.58
N PHE C 61 58.71 11.58 13.67
CA PHE C 61 58.04 11.78 14.94
C PHE C 61 57.26 13.09 14.86
N ASP C 62 57.89 14.10 14.26
CA ASP C 62 57.26 15.40 14.07
C ASP C 62 55.99 15.16 13.26
N TRP C 63 56.10 14.32 12.25
CA TRP C 63 54.98 13.98 11.39
C TRP C 63 53.91 13.33 12.24
N LEU C 64 54.32 12.37 13.06
CA LEU C 64 53.41 11.67 13.96
C LEU C 64 52.72 12.67 14.89
N TYR C 65 53.52 13.61 15.39
CA TYR C 65 53.03 14.63 16.30
C TYR C 65 51.90 15.44 15.68
N GLU C 66 52.16 16.04 14.51
CA GLU C 66 51.15 16.84 13.83
C GLU C 66 49.87 16.05 13.62
N ARG C 67 49.99 14.78 13.26
CA ARG C 67 48.80 13.98 13.02
C ARG C 67 47.99 13.87 14.29
N LEU C 68 48.65 13.43 15.37
CA LEU C 68 47.98 13.29 16.68
C LEU C 68 47.36 14.60 17.15
N LEU C 69 48.06 15.70 16.89
CA LEU C 69 47.58 17.02 17.26
C LEU C 69 46.34 17.34 16.45
N VAL C 70 46.42 17.16 15.14
CA VAL C 70 45.28 17.42 14.26
C VAL C 70 44.09 16.52 14.57
N LYS C 71 44.34 15.24 14.82
CA LYS C 71 43.25 14.31 15.07
C LYS C 71 42.52 14.48 16.40
N PHE C 72 43.26 14.45 17.50
CA PHE C 72 42.64 14.56 18.82
C PHE C 72 42.85 15.88 19.55
N GLY C 73 43.71 16.73 18.99
CA GLY C 73 44.03 18.03 19.58
C GLY C 73 42.91 18.83 20.23
N SER C 74 41.68 18.61 19.80
CA SER C 74 40.55 19.34 20.37
C SER C 74 39.97 18.69 21.62
N ALA C 75 40.60 17.62 22.07
CA ALA C 75 40.12 16.89 23.25
C ALA C 75 41.21 16.34 24.16
N ILE C 76 42.34 15.97 23.60
CA ILE C 76 43.42 15.38 24.40
C ILE C 76 44.72 16.17 24.28
N PRO C 77 45.30 16.57 25.42
CA PRO C 77 46.55 17.32 25.28
C PRO C 77 47.58 16.41 24.62
N ILE C 78 48.40 16.94 23.73
CA ILE C 78 49.40 16.12 23.08
C ILE C 78 50.79 16.57 23.51
N PRO C 79 51.55 15.67 24.16
CA PRO C 79 52.91 16.02 24.60
C PRO C 79 53.73 16.76 23.56
N SER C 80 54.46 17.77 24.01
CA SER C 80 55.28 18.55 23.10
C SER C 80 56.53 17.78 22.73
N LEU C 81 56.96 17.95 21.49
CA LEU C 81 56.40 18.96 20.60
C LEU C 81 57.33 20.16 20.48
N PRO C 82 58.61 19.89 20.24
CA PRO C 82 59.69 20.69 20.83
C PRO C 82 60.53 21.37 19.77
N ASP C 83 61.79 21.67 20.10
CA ASP C 83 62.87 20.72 19.89
C ASP C 83 63.35 20.73 18.44
N LYS C 84 64.53 21.30 18.21
CA LYS C 84 65.75 20.80 18.84
C LYS C 84 66.97 21.08 17.97
N GLN C 85 67.85 21.95 18.45
CA GLN C 85 69.25 21.93 18.04
C GLN C 85 69.67 23.28 17.46
N VAL C 86 70.29 24.11 18.30
CA VAL C 86 71.54 24.77 17.94
C VAL C 86 72.45 24.24 16.83
N THR C 87 71.84 23.64 15.82
CA THR C 87 72.58 23.09 14.70
C THR C 87 73.72 22.17 15.12
N GLY C 88 73.47 21.35 16.13
CA GLY C 88 74.47 20.40 16.58
C GLY C 88 73.98 19.01 16.28
N ARG C 89 73.56 18.81 15.03
CA ARG C 89 73.02 17.54 14.53
C ARG C 89 73.81 16.23 14.77
N PHE C 90 75.08 16.29 15.16
CA PHE C 90 75.79 15.00 15.26
C PHE C 90 76.64 14.42 16.40
N GLU C 91 76.43 14.77 17.67
CA GLU C 91 77.29 14.09 18.63
C GLU C 91 76.63 13.44 19.83
N GLU C 92 77.46 12.81 20.68
CA GLU C 92 77.03 12.12 21.88
C GLU C 92 75.87 12.81 22.60
N GLU C 93 76.21 13.92 23.25
CA GLU C 93 75.28 14.75 24.01
C GLU C 93 73.92 14.97 23.37
N PHE C 94 73.92 15.59 22.19
CA PHE C 94 72.70 15.90 21.45
C PHE C 94 71.73 14.73 21.29
N ILE C 95 72.20 13.66 20.65
CA ILE C 95 71.37 12.49 20.41
C ILE C 95 70.88 11.87 21.72
N LYS C 96 71.72 11.94 22.74
CA LYS C 96 71.40 11.38 24.04
C LYS C 96 70.17 12.05 24.65
N MET C 97 70.26 13.35 24.93
CA MET C 97 69.14 14.09 25.51
C MET C 97 67.91 14.04 24.62
N ARG C 98 68.13 14.11 23.30
CA ARG C 98 67.02 14.02 22.36
C ARG C 98 66.37 12.64 22.47
N MET C 99 67.17 11.59 22.44
CA MET C 99 66.63 10.23 22.54
C MET C 99 65.95 10.01 23.88
N GLU C 100 66.42 10.74 24.90
CA GLU C 100 65.85 10.65 26.24
C GLU C 100 64.45 11.26 26.17
N ARG C 101 64.36 12.43 25.53
CA ARG C 101 63.07 13.11 25.39
C ARG C 101 62.09 12.38 24.51
N LEU C 102 62.59 11.64 23.52
CA LEU C 102 61.74 10.87 22.61
C LEU C 102 61.21 9.66 23.34
N GLN C 103 62.08 9.05 24.14
CA GLN C 103 61.69 7.88 24.89
C GLN C 103 60.49 8.24 25.79
N ALA C 104 60.66 9.29 26.59
CA ALA C 104 59.59 9.74 27.48
C ALA C 104 58.33 10.12 26.71
N TRP C 105 58.51 10.69 25.52
CA TRP C 105 57.40 11.11 24.67
C TRP C 105 56.60 9.88 24.20
N MET C 106 57.31 8.85 23.74
CA MET C 106 56.68 7.62 23.28
C MET C 106 55.89 6.91 24.37
N THR C 107 56.49 6.86 25.56
CA THR C 107 55.88 6.20 26.70
C THR C 107 54.61 6.90 27.11
N ARG C 108 54.58 8.22 26.94
CA ARG C 108 53.37 8.97 27.27
C ARG C 108 52.22 8.50 26.39
N MET C 109 52.49 8.40 25.09
CA MET C 109 51.49 7.98 24.11
C MET C 109 51.06 6.56 24.34
N CYS C 110 52.03 5.68 24.55
CA CYS C 110 51.71 4.29 24.79
C CYS C 110 50.82 4.16 26.01
N ARG C 111 51.08 4.98 27.01
CA ARG C 111 50.27 4.91 28.21
C ARG C 111 48.88 5.50 28.03
N HIS C 112 48.62 6.19 26.91
CA HIS C 112 47.29 6.77 26.76
C HIS C 112 46.29 5.82 26.14
N PRO C 113 45.25 5.49 26.92
CA PRO C 113 44.18 4.59 26.52
C PRO C 113 43.54 4.90 25.17
N VAL C 114 43.47 6.17 24.80
CA VAL C 114 42.85 6.53 23.54
C VAL C 114 43.83 6.65 22.39
N ILE C 115 44.96 7.29 22.64
CA ILE C 115 45.96 7.48 21.62
C ILE C 115 46.65 6.18 21.24
N SER C 116 47.14 5.47 22.24
CA SER C 116 47.85 4.21 22.03
C SER C 116 47.11 3.23 21.12
N GLU C 117 45.78 3.21 21.16
CA GLU C 117 45.05 2.27 20.32
C GLU C 117 44.33 2.93 19.12
N SER C 118 44.99 3.91 18.53
CA SER C 118 44.45 4.59 17.37
C SER C 118 45.17 3.99 16.18
N GLU C 119 44.63 4.21 14.97
CA GLU C 119 45.24 3.66 13.77
C GLU C 119 46.58 4.32 13.42
N VAL C 120 46.58 5.65 13.36
CA VAL C 120 47.78 6.40 13.03
C VAL C 120 48.95 6.06 13.94
N PHE C 121 48.73 6.11 15.25
CA PHE C 121 49.80 5.81 16.18
C PHE C 121 50.27 4.37 16.03
N GLN C 122 49.31 3.46 15.98
CA GLN C 122 49.60 2.05 15.85
C GLN C 122 50.42 1.76 14.58
N GLN C 123 49.88 2.13 13.43
CA GLN C 123 50.56 1.91 12.16
C GLN C 123 51.91 2.57 12.15
N PHE C 124 52.07 3.64 12.93
CA PHE C 124 53.34 4.34 13.01
C PHE C 124 54.40 3.36 13.49
N LEU C 125 53.99 2.46 14.37
CA LEU C 125 54.88 1.45 14.92
C LEU C 125 55.03 0.25 14.01
N ASN C 126 54.04 -0.64 14.06
CA ASN C 126 54.05 -1.87 13.27
C ASN C 126 53.81 -1.72 11.75
N PHE C 127 54.91 -1.66 11.00
CA PHE C 127 54.87 -1.57 9.54
C PHE C 127 56.12 -2.26 9.00
N ARG C 128 55.97 -3.05 7.93
CA ARG C 128 57.11 -3.77 7.36
C ARG C 128 57.69 -3.15 6.10
N ASP C 129 56.86 -3.02 5.07
CA ASP C 129 57.32 -2.45 3.80
C ASP C 129 57.68 -0.97 3.90
N GLU C 130 58.63 -0.57 3.06
CA GLU C 130 59.10 0.81 3.01
C GLU C 130 57.99 1.60 2.31
N LYS C 131 57.01 0.84 1.79
CA LYS C 131 55.85 1.39 1.08
C LYS C 131 54.57 1.16 1.88
N GLU C 132 54.59 0.16 2.75
CA GLU C 132 53.43 -0.13 3.59
C GLU C 132 53.24 1.07 4.50
N TRP C 133 54.31 1.84 4.62
CA TRP C 133 54.40 3.05 5.43
C TRP C 133 53.79 4.23 4.68
N LYS C 134 54.26 4.45 3.45
CA LYS C 134 53.75 5.55 2.63
C LYS C 134 52.23 5.47 2.55
N THR C 135 51.70 4.26 2.51
CA THR C 135 50.27 4.01 2.44
C THR C 135 49.59 4.57 3.69
N GLY C 136 50.16 4.23 4.85
CA GLY C 136 49.62 4.70 6.12
C GLY C 136 49.71 6.21 6.25
N LYS C 137 50.90 6.74 5.99
CA LYS C 137 51.11 8.17 6.04
C LYS C 137 50.06 8.86 5.14
N ARG C 138 49.68 8.19 4.06
CA ARG C 138 48.68 8.75 3.15
C ARG C 138 47.30 8.63 3.78
N LYS C 139 46.95 7.45 4.28
CA LYS C 139 45.65 7.23 4.90
C LYS C 139 45.44 8.19 6.06
N ALA C 140 46.49 8.40 6.82
CA ALA C 140 46.49 9.30 7.96
C ALA C 140 46.10 10.72 7.55
N GLU C 141 46.77 11.24 6.53
CA GLU C 141 46.54 12.59 6.04
C GLU C 141 45.18 12.87 5.44
N ARG C 142 44.38 11.84 5.15
CA ARG C 142 43.06 12.03 4.57
C ARG C 142 41.95 11.77 5.59
N ASP C 143 42.33 11.42 6.81
CA ASP C 143 41.35 11.14 7.87
C ASP C 143 40.65 12.44 8.25
N GLU C 144 39.39 12.58 7.87
CA GLU C 144 38.65 13.80 8.16
C GLU C 144 38.01 13.77 9.52
N LEU C 145 38.11 12.64 10.20
CA LEU C 145 37.54 12.52 11.55
C LEU C 145 38.52 13.11 12.55
N ALA C 146 38.75 14.42 12.42
CA ALA C 146 39.68 15.14 13.28
C ALA C 146 39.04 16.41 13.84
N GLY C 147 39.86 17.28 14.41
CA GLY C 147 39.34 18.52 14.95
C GLY C 147 38.18 18.22 15.86
N VAL C 148 37.13 19.02 15.77
CA VAL C 148 35.96 18.83 16.60
C VAL C 148 35.29 17.48 16.32
N MET C 149 35.36 17.05 15.07
CA MET C 149 34.76 15.80 14.62
C MET C 149 35.18 14.56 15.40
N ILE C 150 36.32 14.62 16.07
CA ILE C 150 36.79 13.46 16.82
C ILE C 150 35.75 13.04 17.85
N PHE C 151 35.00 13.99 18.39
CA PHE C 151 33.99 13.68 19.40
C PHE C 151 32.92 12.79 18.83
N SER C 152 32.74 12.86 17.51
CA SER C 152 31.71 12.05 16.85
C SER C 152 31.99 10.56 17.01
N THR C 153 33.22 10.20 17.35
CA THR C 153 33.57 8.80 17.52
C THR C 153 33.54 8.35 18.97
N MET C 154 33.10 9.24 19.86
CA MET C 154 33.05 8.91 21.27
C MET C 154 31.68 8.46 21.74
N GLU C 155 31.67 7.43 22.57
CA GLU C 155 30.41 6.88 23.04
C GLU C 155 30.32 6.79 24.56
N PRO C 156 29.58 7.72 25.17
CA PRO C 156 29.36 7.79 26.61
C PRO C 156 28.38 6.74 27.13
N GLU C 157 28.87 5.83 27.95
CA GLU C 157 28.04 4.80 28.56
C GLU C 157 27.42 5.40 29.83
N ALA C 158 26.64 6.46 29.61
CA ALA C 158 25.98 7.20 30.69
C ALA C 158 24.94 8.14 30.07
N PRO C 159 24.09 8.78 30.90
CA PRO C 159 23.04 9.71 30.46
C PRO C 159 23.53 11.03 29.92
N ASP C 160 22.59 11.96 29.73
CA ASP C 160 22.93 13.29 29.24
C ASP C 160 23.14 14.20 30.44
N LEU C 161 23.89 15.31 30.21
CA LEU C 161 23.37 16.68 30.40
C LEU C 161 23.94 17.78 29.46
N ASP C 162 23.84 19.05 29.86
CA ASP C 162 23.76 20.19 28.92
C ASP C 162 24.19 21.57 29.49
N LEU C 163 23.96 22.67 28.74
CA LEU C 163 24.99 23.67 28.50
C LEU C 163 25.61 24.21 29.78
N VAL C 164 24.77 24.51 30.77
CA VAL C 164 25.22 25.04 32.04
C VAL C 164 26.31 24.16 32.66
N GLU C 165 25.97 22.92 32.92
CA GLU C 165 26.91 21.97 33.51
C GLU C 165 28.20 21.93 32.70
N ILE C 166 28.10 22.14 31.39
CA ILE C 166 29.26 22.09 30.51
C ILE C 166 30.22 23.25 30.75
N GLU C 167 29.70 24.46 30.63
CA GLU C 167 30.48 25.68 30.81
C GLU C 167 31.24 25.68 32.13
N GLN C 168 30.60 25.12 33.14
CA GLN C 168 31.15 25.02 34.49
C GLN C 168 32.36 24.12 34.57
N LYS C 169 32.28 22.95 33.94
CA LYS C 169 33.40 22.02 33.95
C LYS C 169 34.54 22.64 33.15
N CYS C 170 34.18 23.48 32.18
CA CYS C 170 35.17 24.13 31.35
C CYS C 170 35.97 25.10 32.21
N GLU C 171 35.27 26.02 32.84
CA GLU C 171 35.90 27.01 33.72
C GLU C 171 36.85 26.32 34.67
N ALA C 172 36.34 25.30 35.34
CA ALA C 172 37.11 24.54 36.29
C ALA C 172 38.47 24.12 35.76
N VAL C 173 38.47 23.43 34.63
CA VAL C 173 39.73 22.96 34.04
C VAL C 173 40.63 24.13 33.76
N GLY C 174 40.03 25.18 33.18
CA GLY C 174 40.75 26.39 32.85
C GLY C 174 41.41 27.06 34.03
N LYS C 175 40.81 26.93 35.20
CA LYS C 175 41.35 27.54 36.41
C LYS C 175 42.42 26.64 37.04
N PHE C 176 42.26 25.32 36.93
CA PHE C 176 43.23 24.42 37.50
C PHE C 176 44.52 24.49 36.73
N THR C 177 44.43 24.24 35.42
CA THR C 177 45.60 24.24 34.54
C THR C 177 46.42 25.52 34.59
N LYS C 178 45.75 26.66 34.60
CA LYS C 178 46.43 27.94 34.67
C LYS C 178 47.15 28.02 36.01
N ALA C 179 46.46 27.63 37.06
CA ALA C 179 47.06 27.63 38.38
C ALA C 179 48.31 26.74 38.44
N MET C 180 48.17 25.46 38.08
CA MET C 180 49.30 24.54 38.11
C MET C 180 50.43 24.95 37.19
N ASP C 181 50.07 25.58 36.08
CA ASP C 181 51.09 26.02 35.16
C ASP C 181 51.93 27.04 35.91
N ASP C 182 51.26 28.07 36.44
CA ASP C 182 51.95 29.11 37.18
C ASP C 182 52.80 28.51 38.28
N GLY C 183 52.27 27.50 38.96
CA GLY C 183 52.98 26.85 40.04
C GLY C 183 54.22 26.07 39.66
N VAL C 184 54.14 25.33 38.57
CA VAL C 184 55.27 24.55 38.10
C VAL C 184 56.36 25.45 37.50
N LYS C 185 55.95 26.61 36.99
CA LYS C 185 56.93 27.50 36.40
C LYS C 185 57.86 28.02 37.47
N GLU C 186 57.38 28.05 38.71
CA GLU C 186 58.25 28.52 39.78
C GLU C 186 59.14 27.40 40.23
N LEU C 187 58.54 26.26 40.53
CA LEU C 187 59.31 25.13 40.97
C LEU C 187 60.50 24.95 40.03
N LEU C 188 60.27 25.24 38.75
CA LEU C 188 61.28 25.14 37.70
C LEU C 188 62.36 26.21 37.82
N THR C 189 61.96 27.42 38.17
CA THR C 189 62.89 28.54 38.30
C THR C 189 63.84 28.39 39.49
N VAL C 190 63.30 28.09 40.67
CA VAL C 190 64.15 27.90 41.84
C VAL C 190 65.07 26.70 41.62
N GLY C 191 64.54 25.66 41.01
CA GLY C 191 65.35 24.49 40.74
C GLY C 191 66.49 24.82 39.81
N GLN C 192 66.18 25.47 38.70
CA GLN C 192 67.20 25.84 37.75
C GLN C 192 68.21 26.77 38.43
N GLU C 193 67.69 27.60 39.35
CA GLU C 193 68.47 28.57 40.10
C GLU C 193 69.39 27.87 41.12
N HIS C 194 68.86 26.82 41.74
CA HIS C 194 69.61 26.06 42.72
C HIS C 194 70.64 25.23 41.98
N TRP C 195 70.21 24.68 40.85
CA TRP C 195 71.11 23.89 40.03
C TRP C 195 72.37 24.70 39.73
N LYS C 196 72.16 25.82 39.04
CA LYS C 196 73.22 26.75 38.64
C LYS C 196 74.15 27.13 39.79
N ARG C 197 73.64 27.06 41.01
CA ARG C 197 74.45 27.40 42.17
C ARG C 197 75.25 26.22 42.73
N CYS C 198 74.78 25.00 42.49
CA CYS C 198 75.49 23.82 42.99
C CYS C 198 76.57 23.37 42.03
N THR C 199 76.48 23.81 40.79
CA THR C 199 77.48 23.41 39.81
C THR C 199 78.51 24.50 39.58
N GLY C 200 78.35 25.62 40.29
CA GLY C 200 79.29 26.72 40.11
C GLY C 200 80.03 27.28 41.31
N PRO C 201 79.51 28.36 41.92
CA PRO C 201 80.11 29.01 43.08
C PRO C 201 80.26 28.16 44.35
N LEU C 202 79.31 27.26 44.59
CA LEU C 202 79.36 26.44 45.79
C LEU C 202 80.54 25.50 45.83
N PRO C 203 80.87 24.84 44.71
CA PRO C 203 82.00 23.93 44.72
C PRO C 203 83.30 24.71 44.89
N LYS C 204 83.41 25.83 44.18
CA LYS C 204 84.61 26.66 44.26
C LYS C 204 84.95 26.98 45.72
N GLU C 205 83.92 27.14 46.53
CA GLU C 205 84.12 27.46 47.94
C GLU C 205 84.83 26.32 48.63
N TYR C 206 84.17 25.16 48.65
CA TYR C 206 84.76 23.99 49.26
C TYR C 206 86.13 23.72 48.65
N GLN C 207 86.36 24.28 47.48
CA GLN C 207 87.63 24.10 46.78
C GLN C 207 88.63 25.08 47.39
N LYS C 208 88.19 26.31 47.66
CA LYS C 208 89.07 27.32 48.26
C LYS C 208 89.45 26.91 49.67
N ILE C 209 88.48 26.35 50.39
CA ILE C 209 88.67 25.88 51.76
C ILE C 209 89.71 24.79 51.76
N GLY C 210 89.37 23.70 51.10
CA GLY C 210 90.28 22.57 51.02
C GLY C 210 91.69 22.96 50.62
N LYS C 211 91.84 24.00 49.83
CA LYS C 211 93.17 24.45 49.41
C LYS C 211 93.80 25.31 50.49
N ALA C 212 92.99 26.18 51.09
CA ALA C 212 93.46 27.06 52.14
C ALA C 212 94.08 26.18 53.22
N LEU C 213 93.37 25.12 53.56
CA LEU C 213 93.86 24.21 54.56
C LEU C 213 95.19 23.61 54.14
N GLN C 214 95.22 23.03 52.94
CA GLN C 214 96.44 22.41 52.46
C GLN C 214 97.66 23.32 52.36
N SER C 215 97.45 24.61 52.10
CA SER C 215 98.60 25.48 52.02
C SER C 215 99.14 25.65 53.44
N LEU C 216 98.23 25.83 54.39
CA LEU C 216 98.59 26.02 55.79
C LEU C 216 99.41 24.87 56.33
N ALA C 217 98.97 23.64 56.06
CA ALA C 217 99.71 22.45 56.51
C ALA C 217 101.11 22.56 55.93
N THR C 218 101.18 22.98 54.67
CA THR C 218 102.44 23.14 54.00
C THR C 218 103.33 24.11 54.77
N VAL C 219 102.72 25.16 55.31
CA VAL C 219 103.48 26.16 56.07
C VAL C 219 103.98 25.60 57.39
N PHE C 220 103.13 24.83 58.07
CA PHE C 220 103.52 24.27 59.34
C PHE C 220 104.72 23.37 59.11
N SER C 221 104.64 22.54 58.06
CA SER C 221 105.70 21.60 57.73
C SER C 221 107.07 22.25 57.53
N SER C 222 107.11 23.56 57.28
CA SER C 222 108.38 24.25 57.09
C SER C 222 108.84 24.82 58.42
N SER C 223 107.97 24.73 59.43
CA SER C 223 108.29 25.25 60.76
C SER C 223 109.67 24.81 61.22
N GLY C 224 109.91 23.50 61.18
CA GLY C 224 111.19 22.98 61.61
C GLY C 224 111.19 22.86 63.12
N TYR C 225 110.03 22.51 63.65
CA TYR C 225 109.86 22.34 65.08
C TYR C 225 109.99 20.87 65.42
N GLN C 226 110.85 20.55 66.39
CA GLN C 226 111.00 19.19 66.84
C GLN C 226 109.64 18.80 67.42
N GLY C 227 109.23 17.56 67.29
CA GLY C 227 107.96 17.16 67.90
C GLY C 227 106.62 17.36 67.23
N GLU C 228 106.57 17.16 65.92
CA GLU C 228 105.35 17.26 65.14
C GLU C 228 105.61 16.52 63.86
N THR C 229 104.55 16.02 63.26
CA THR C 229 104.60 15.33 61.97
C THR C 229 103.22 14.82 61.62
N ASP C 230 102.56 14.32 62.66
CA ASP C 230 101.25 13.72 62.57
C ASP C 230 100.11 14.65 62.20
N LEU C 231 100.19 15.91 62.64
CA LEU C 231 99.15 16.89 62.36
C LEU C 231 99.10 17.35 60.91
N ASN C 232 100.23 17.81 60.39
CA ASN C 232 100.28 18.28 59.00
C ASN C 232 99.71 17.28 58.01
N ASP C 233 99.67 16.00 58.38
CA ASP C 233 99.08 15.01 57.49
C ASP C 233 97.58 15.09 57.60
N ALA C 234 97.08 15.14 58.84
CA ALA C 234 95.64 15.23 59.06
C ALA C 234 95.06 16.45 58.37
N ILE C 235 95.75 17.57 58.50
CA ILE C 235 95.31 18.83 57.89
C ILE C 235 95.23 18.64 56.37
N THR C 236 96.39 18.42 55.75
CA THR C 236 96.46 18.24 54.32
C THR C 236 95.38 17.29 53.76
N GLU C 237 95.05 16.25 54.49
CA GLU C 237 94.02 15.33 54.04
C GLU C 237 92.64 15.95 54.15
N ALA C 238 92.44 16.74 55.18
CA ALA C 238 91.17 17.40 55.37
C ALA C 238 90.89 18.28 54.15
N GLY C 239 91.91 18.98 53.68
CA GLY C 239 91.76 19.83 52.52
C GLY C 239 91.35 19.02 51.30
N LYS C 240 92.09 17.94 51.03
CA LYS C 240 91.82 17.07 49.89
C LYS C 240 90.42 16.49 50.04
N THR C 241 90.02 16.23 51.28
CA THR C 241 88.69 15.69 51.52
C THR C 241 87.67 16.75 51.11
N TYR C 242 88.00 18.01 51.35
CA TYR C 242 87.05 19.05 51.01
C TYR C 242 86.96 19.22 49.50
N GLU C 243 88.10 19.10 48.83
CA GLU C 243 88.15 19.20 47.37
C GLU C 243 87.25 18.15 46.72
N GLU C 244 87.18 16.97 47.33
CA GLU C 244 86.36 15.90 46.82
C GLU C 244 84.90 16.24 47.07
N ILE C 245 84.62 16.96 48.14
CA ILE C 245 83.24 17.32 48.42
C ILE C 245 82.81 18.37 47.39
N ALA C 246 83.78 19.12 46.88
CA ALA C 246 83.53 20.13 45.88
C ALA C 246 83.03 19.42 44.63
N SER C 247 83.72 18.33 44.29
CA SER C 247 83.37 17.53 43.13
C SER C 247 82.04 16.88 43.36
N LEU C 248 81.91 16.16 44.46
CA LEU C 248 80.66 15.48 44.79
C LEU C 248 79.49 16.42 44.68
N VAL C 249 79.66 17.62 45.19
CA VAL C 249 78.60 18.62 45.16
C VAL C 249 78.27 19.03 43.74
N ALA C 250 79.28 19.51 43.03
CA ALA C 250 79.12 19.97 41.66
C ALA C 250 78.63 18.89 40.72
N GLU C 251 78.59 17.65 41.19
CA GLU C 251 78.16 16.57 40.33
C GLU C 251 76.88 15.89 40.82
N GLN C 252 76.16 16.53 41.72
CA GLN C 252 74.96 15.89 42.24
C GLN C 252 73.68 16.14 41.48
N PRO C 253 73.42 17.38 41.04
CA PRO C 253 72.17 17.65 40.31
C PRO C 253 71.85 16.65 39.19
N LYS C 254 72.87 16.07 38.59
CA LYS C 254 72.67 15.12 37.53
C LYS C 254 72.09 13.83 38.06
N LYS C 255 71.95 13.71 39.37
CA LYS C 255 71.44 12.47 39.94
C LYS C 255 70.08 12.56 40.58
N ASP C 256 69.57 13.77 40.77
CA ASP C 256 68.26 13.96 41.39
C ASP C 256 67.55 15.19 40.90
N LEU C 257 68.18 16.34 41.09
CA LEU C 257 67.59 17.60 40.64
C LEU C 257 67.12 17.42 39.22
N HIS C 258 67.95 16.77 38.42
CA HIS C 258 67.64 16.53 37.03
C HIS C 258 66.28 15.88 36.77
N PHE C 259 65.99 14.79 37.48
CA PHE C 259 64.72 14.11 37.26
C PHE C 259 63.58 14.98 37.69
N LEU C 260 63.74 15.66 38.81
CA LEU C 260 62.69 16.53 39.31
C LEU C 260 62.39 17.62 38.28
N MET C 261 63.43 18.17 37.66
CA MET C 261 63.27 19.20 36.63
C MET C 261 62.54 18.65 35.38
N GLU C 262 63.05 17.55 34.86
CA GLU C 262 62.46 16.91 33.70
C GLU C 262 60.98 16.64 33.88
N CYS C 263 60.60 16.10 35.02
CA CYS C 263 59.19 15.82 35.24
C CYS C 263 58.36 17.09 35.11
N ASN C 264 58.89 18.19 35.64
CA ASN C 264 58.18 19.47 35.59
C ASN C 264 58.12 20.02 34.20
N HIS C 265 59.18 19.82 33.43
CA HIS C 265 59.16 20.29 32.06
C HIS C 265 58.05 19.55 31.32
N GLU C 266 58.09 18.23 31.39
CA GLU C 266 57.06 17.46 30.71
C GLU C 266 55.68 18.03 31.02
N TYR C 267 55.45 18.36 32.29
CA TYR C 267 54.14 18.88 32.65
C TYR C 267 53.89 20.31 32.22
N LYS C 268 54.94 21.14 32.17
CA LYS C 268 54.76 22.51 31.69
C LYS C 268 54.26 22.35 30.24
N GLY C 269 54.71 21.28 29.59
CA GLY C 269 54.31 20.98 28.23
C GLY C 269 52.83 20.63 28.10
N PHE C 270 52.34 19.71 28.92
CA PHE C 270 50.92 19.33 28.87
C PHE C 270 50.07 20.56 29.11
N LEU C 271 50.47 21.35 30.10
CA LEU C 271 49.73 22.55 30.45
C LEU C 271 49.69 23.57 29.32
N GLY C 272 50.83 23.78 28.67
CA GLY C 272 50.86 24.74 27.59
C GLY C 272 49.81 24.45 26.53
N CYS C 273 49.32 23.22 26.50
CA CYS C 273 48.34 22.83 25.51
C CYS C 273 46.92 23.23 25.80
N PHE C 274 46.60 23.46 27.07
CA PHE C 274 45.22 23.79 27.39
C PHE C 274 44.71 25.11 26.86
N PRO C 275 45.59 26.09 26.66
CA PRO C 275 45.15 27.37 26.12
C PRO C 275 44.30 27.15 24.88
N ASP C 276 44.76 26.25 24.00
CA ASP C 276 44.04 25.89 22.76
C ASP C 276 42.80 25.04 23.02
N ILE C 277 42.99 23.95 23.75
CA ILE C 277 41.93 22.97 23.96
C ILE C 277 40.61 23.65 24.28
N ILE C 278 40.66 24.66 25.15
CA ILE C 278 39.48 25.11 25.87
C ILE C 278 38.67 26.11 25.04
N GLY C 279 39.36 26.84 24.16
CA GLY C 279 38.72 27.84 23.33
C GLY C 279 37.63 27.25 22.45
N THR C 280 37.81 25.98 22.09
CA THR C 280 36.87 25.25 21.27
C THR C 280 35.67 24.81 22.09
N HIS C 281 35.90 24.39 23.33
CA HIS C 281 34.79 23.98 24.17
C HIS C 281 33.98 25.20 24.54
N LYS C 282 34.66 26.30 24.82
CA LYS C 282 34.02 27.57 25.19
C LYS C 282 33.10 28.02 24.07
N GLY C 283 33.60 27.92 22.84
CA GLY C 283 32.81 28.32 21.70
C GLY C 283 31.62 27.40 21.56
N ALA C 284 31.84 26.11 21.81
CA ALA C 284 30.78 25.11 21.71
C ALA C 284 29.65 25.38 22.70
N ILE C 285 30.02 25.68 23.95
CA ILE C 285 29.08 25.96 25.04
C ILE C 285 28.35 27.27 24.79
N GLU C 286 29.04 28.23 24.18
CA GLU C 286 28.47 29.52 23.86
C GLU C 286 27.46 29.37 22.71
N LYS C 287 27.79 28.51 21.77
CA LYS C 287 26.94 28.26 20.62
C LYS C 287 25.69 27.50 21.04
N VAL C 288 25.74 26.84 22.19
CA VAL C 288 24.57 26.09 22.64
C VAL C 288 23.59 26.96 23.40
N LYS C 289 24.04 28.15 23.80
CA LYS C 289 23.16 29.07 24.51
C LYS C 289 22.19 29.70 23.51
N GLU C 290 22.65 29.86 22.27
CA GLU C 290 21.83 30.44 21.21
C GLU C 290 20.79 29.44 20.73
N SER C 291 20.83 28.22 21.27
CA SER C 291 19.87 27.21 20.89
C SER C 291 18.50 27.85 20.98
N ASP C 292 18.06 28.16 22.19
CA ASP C 292 16.76 28.78 22.39
C ASP C 292 16.53 29.96 21.45
N LYS C 293 17.45 30.91 21.43
CA LYS C 293 17.30 32.07 20.56
C LYS C 293 17.01 31.62 19.13
N LEU C 294 17.67 30.55 18.72
CA LEU C 294 17.49 30.01 17.37
C LEU C 294 16.11 29.38 17.17
N VAL C 295 15.82 28.35 17.96
CA VAL C 295 14.54 27.65 17.87
C VAL C 295 13.35 28.60 17.79
N ALA C 296 13.43 29.73 18.48
CA ALA C 296 12.37 30.72 18.48
C ALA C 296 12.36 31.53 17.19
N THR C 297 13.54 31.82 16.67
CA THR C 297 13.64 32.57 15.42
C THR C 297 13.38 31.62 14.26
N SER C 298 12.82 30.45 14.58
CA SER C 298 12.49 29.40 13.60
C SER C 298 13.65 28.96 12.70
N LYS C 299 14.88 29.05 13.20
CA LYS C 299 16.04 28.66 12.41
C LYS C 299 16.26 27.16 12.46
N ILE C 300 16.06 26.56 13.63
CA ILE C 300 16.24 25.14 13.80
C ILE C 300 15.06 24.55 14.56
N THR C 301 15.07 23.24 14.80
CA THR C 301 13.99 22.59 15.53
C THR C 301 14.41 22.12 16.91
N LEU C 302 13.41 21.84 17.73
CA LEU C 302 13.62 21.37 19.10
C LEU C 302 14.52 20.13 19.10
N GLN C 303 14.36 19.29 18.09
CA GLN C 303 15.16 18.07 17.95
C GLN C 303 16.60 18.51 17.67
N ASP C 304 16.74 19.52 16.81
CA ASP C 304 18.05 20.06 16.47
C ASP C 304 18.66 20.63 17.74
N LYS C 305 17.83 21.32 18.51
CA LYS C 305 18.25 21.92 19.78
C LYS C 305 18.73 20.85 20.75
N GLN C 306 17.90 19.85 20.99
CA GLN C 306 18.22 18.78 21.91
C GLN C 306 19.45 18.00 21.51
N ASN C 307 19.81 18.04 20.23
CA ASN C 307 21.01 17.36 19.76
C ASN C 307 22.23 18.14 20.24
N MET C 308 22.21 19.43 19.96
CA MET C 308 23.30 20.33 20.34
C MET C 308 23.69 20.09 21.80
N VAL C 309 22.71 19.77 22.62
CA VAL C 309 22.94 19.51 24.03
C VAL C 309 23.61 18.16 24.26
N LYS C 310 22.94 17.10 23.85
CA LYS C 310 23.49 15.78 24.04
C LYS C 310 24.87 15.69 23.40
N ARG C 311 25.09 16.52 22.39
CA ARG C 311 26.36 16.55 21.67
C ARG C 311 27.49 17.31 22.37
N VAL C 312 27.19 18.46 22.97
CA VAL C 312 28.22 19.23 23.65
C VAL C 312 28.56 18.57 25.00
N SER C 313 27.69 17.67 25.43
CA SER C 313 27.93 16.92 26.66
C SER C 313 29.07 15.95 26.35
N ILE C 314 28.96 15.25 25.23
CA ILE C 314 30.01 14.32 24.81
C ILE C 314 31.33 15.04 24.89
N MET C 315 31.34 16.31 24.51
CA MET C 315 32.58 17.07 24.56
C MET C 315 33.09 17.12 25.98
N SER C 316 32.22 17.48 26.92
CA SER C 316 32.62 17.56 28.31
C SER C 316 33.21 16.24 28.81
N TYR C 317 32.51 15.14 28.58
CA TYR C 317 32.99 13.83 28.99
C TYR C 317 34.37 13.55 28.42
N ALA C 318 34.60 14.00 27.20
CA ALA C 318 35.88 13.78 26.56
C ALA C 318 36.94 14.65 27.22
N LEU C 319 36.56 15.88 27.55
CA LEU C 319 37.51 16.77 28.19
C LEU C 319 37.91 16.24 29.55
N GLN C 320 36.58 16.01 30.13
CA GLN C 320 36.63 15.41 31.47
C GLN C 320 37.41 14.10 31.42
N ALA C 321 37.20 13.34 30.36
CA ALA C 321 37.88 12.06 30.22
C ALA C 321 39.39 12.30 30.21
N GLU C 322 39.82 13.35 29.52
CA GLU C 322 41.22 13.70 29.42
C GLU C 322 41.82 14.14 30.75
N MET C 323 41.13 15.04 31.47
CA MET C 323 41.61 15.48 32.77
C MET C 323 41.78 14.30 33.71
N ASN C 324 40.75 13.48 33.81
CA ASN C 324 40.80 12.30 34.67
C ASN C 324 42.00 11.43 34.37
N HIS C 325 42.48 11.49 33.15
CA HIS C 325 43.64 10.71 32.78
C HIS C 325 44.84 11.53 33.24
N PHE C 326 44.69 12.85 33.19
CA PHE C 326 45.77 13.74 33.59
C PHE C 326 46.05 13.56 35.07
N HIS C 327 45.06 13.92 35.89
CA HIS C 327 45.16 13.84 37.35
C HIS C 327 45.65 12.50 37.81
N SER C 328 45.10 11.45 37.23
CA SER C 328 45.48 10.10 37.54
C SER C 328 46.99 10.00 37.44
N ASN C 329 47.51 10.31 36.26
CA ASN C 329 48.94 10.25 36.03
C ASN C 329 49.76 11.31 36.76
N ARG C 330 49.16 12.48 36.98
CA ARG C 330 49.88 13.54 37.69
C ARG C 330 50.28 13.01 39.06
N ILE C 331 49.29 12.52 39.79
CA ILE C 331 49.46 11.97 41.13
C ILE C 331 50.47 10.86 41.21
N TYR C 332 50.58 10.06 40.18
CA TYR C 332 51.54 8.98 40.19
C TYR C 332 52.94 9.54 39.97
N ASP C 333 53.06 10.37 38.93
CA ASP C 333 54.33 10.97 38.56
C ASP C 333 55.06 11.79 39.63
N TYR C 334 54.37 12.75 40.24
CA TYR C 334 54.99 13.56 41.27
C TYR C 334 55.35 12.75 42.51
N ASN C 335 54.53 11.76 42.81
CA ASN C 335 54.80 10.91 43.96
C ASN C 335 56.04 10.04 43.73
N SER C 336 56.44 9.86 42.48
CA SER C 336 57.61 9.01 42.19
C SER C 336 58.87 9.80 42.05
N VAL C 337 58.79 10.96 41.39
CA VAL C 337 59.98 11.78 41.22
C VAL C 337 60.40 12.39 42.57
N ILE C 338 59.45 12.93 43.32
CA ILE C 338 59.79 13.48 44.62
C ILE C 338 60.40 12.36 45.48
N ARG C 339 59.74 11.21 45.50
CA ARG C 339 60.23 10.06 46.26
C ARG C 339 61.65 9.78 45.82
N LEU C 340 61.94 10.05 44.56
CA LEU C 340 63.24 9.77 44.01
C LEU C 340 64.26 10.82 44.39
N TYR C 341 63.87 12.09 44.28
CA TYR C 341 64.73 13.23 44.61
C TYR C 341 65.21 13.13 46.05
N LEU C 342 64.26 12.91 46.96
CA LEU C 342 64.59 12.80 48.37
C LEU C 342 65.61 11.69 48.61
N GLU C 343 65.27 10.47 48.20
CA GLU C 343 66.16 9.32 48.34
C GLU C 343 67.58 9.64 47.94
N GLN C 344 67.72 10.31 46.81
CA GLN C 344 69.04 10.68 46.32
C GLN C 344 69.67 11.72 47.24
N GLN C 345 68.84 12.65 47.69
CA GLN C 345 69.31 13.68 48.60
C GLN C 345 69.89 13.00 49.82
N VAL C 346 69.06 12.21 50.49
CA VAL C 346 69.48 11.47 51.67
C VAL C 346 70.88 10.91 51.48
N GLN C 347 71.03 9.99 50.52
CA GLN C 347 72.33 9.38 50.25
C GLN C 347 73.42 10.41 50.08
N PHE C 348 73.07 11.56 49.52
CA PHE C 348 74.06 12.59 49.30
C PHE C 348 74.68 13.04 50.60
N TYR C 349 73.86 13.55 51.50
CA TYR C 349 74.32 14.03 52.79
C TYR C 349 74.98 12.96 53.62
N GLU C 350 74.42 11.76 53.57
CA GLU C 350 74.97 10.61 54.26
C GLU C 350 76.42 10.39 53.78
N THR C 351 76.63 10.51 52.47
CA THR C 351 77.95 10.31 51.87
C THR C 351 78.96 11.36 52.29
N ILE C 352 78.54 12.63 52.21
CA ILE C 352 79.41 13.73 52.60
C ILE C 352 79.85 13.53 54.05
N ALA C 353 78.88 13.25 54.92
CA ALA C 353 79.15 13.00 56.34
C ALA C 353 80.23 11.94 56.48
N GLU C 354 80.06 10.82 55.80
CA GLU C 354 81.03 9.76 55.88
C GLU C 354 82.40 10.24 55.42
N LYS C 355 82.44 11.13 54.45
CA LYS C 355 83.74 11.64 53.96
C LYS C 355 84.44 12.49 55.02
N LEU C 356 83.66 13.31 55.71
CA LEU C 356 84.21 14.15 56.77
C LEU C 356 84.69 13.24 57.91
N ARG C 357 83.77 12.41 58.40
CA ARG C 357 84.05 11.44 59.45
C ARG C 357 85.38 10.71 59.28
N GLN C 358 85.84 10.62 58.04
CA GLN C 358 87.10 9.93 57.75
C GLN C 358 88.30 10.84 58.03
N ALA C 359 88.26 12.07 57.50
CA ALA C 359 89.35 13.01 57.71
C ALA C 359 89.42 13.31 59.19
N LEU C 360 88.27 13.21 59.86
CA LEU C 360 88.19 13.45 61.29
C LEU C 360 89.07 12.45 62.02
N SER C 361 88.78 11.17 61.77
CA SER C 361 89.50 10.08 62.41
C SER C 361 90.99 10.04 62.05
N ARG C 362 91.57 11.20 61.79
CA ARG C 362 92.98 11.29 61.45
C ARG C 362 93.66 12.23 62.43
N PHE C 363 92.85 12.99 63.16
CA PHE C 363 93.34 13.94 64.16
C PHE C 363 93.20 13.28 65.51
N PRO C 364 94.31 13.10 66.22
CA PRO C 364 94.21 12.46 67.53
C PRO C 364 93.35 13.29 68.48
N VAL C 365 92.59 12.60 69.33
CA VAL C 365 91.99 13.22 70.51
C VAL C 365 93.03 14.01 71.31
N MET C 366 92.95 15.33 71.23
CA MET C 366 93.23 16.18 72.38
C MET C 366 94.73 16.32 72.62
#